data_1VBH
#
_entry.id   1VBH
#
_cell.length_a   109.339
_cell.length_b   100.510
_cell.length_c   108.155
_cell.angle_alpha   90.00
_cell.angle_beta   98.48
_cell.angle_gamma   90.00
#
_symmetry.space_group_name_H-M   'C 1 2 1'
#
loop_
_entity.id
_entity.type
_entity.pdbx_description
1 polymer 'pyruvate,orthophosphate dikinase'
2 non-polymer 'MAGNESIUM ION'
3 non-polymer 'SULFATE ION'
4 non-polymer PHOSPHOENOLPYRUVATE
5 water water
#
_entity_poly.entity_id   1
_entity_poly.type   'polypeptide(L)'
_entity_poly.pdbx_seq_one_letter_code
;TTKKRVFHFGKGKSEGNKTMKELLGGKGANLAEMASIGLSVPPGFTVSTEACQQYQDAGCALPAGLWAEIVDGLQWVEEY
MGATLGDPQRPLLLSVRSGAAVSMPGMMDTVLNLGLNDEVAAGLAAKSGERFAYDSFRRFLDMFGNVVMDIPRSLFEEKL
EHMKESKGLKNDTDLTASDLKELVGQYKEVYLSAKGEPFPSDPKKQLELAVLAVFNSWESPRAKKYRSINQITGLRGTAV
NVQCMVFGNMGNTSGTGVLFTRNPNTGEKKLYGEFLVNAQGEDVVAGIRTPEDLDAMKNLMPQAYDELVENCNILESHYK
EMQDIEFTVQENRLWMLQCRTGKRTGKSAVKIAVDMVNEGLVEPRSAIKMVEPGHLDQLLHPQFENPSAYKDQVIATGLP
ASPGAAVGQVVFTAEDAEAWHSQGKAAILVRAETSPEDVGGMHAAVGILTERGGMTSHAAVVARGWGKCCVSGCSGIRVN
DAEKLVTIGGHVLREGEWLSLNGSTGEVILGKQPLSPPALSGDLGTFMAWVDDVRKLKVLANADTPDDALTARNNGAQGI
GLCRTEHMFFASDERIKAVRQMIMAPTLELRQQALDRLLPYQRSDFEGIFRAMDGLPVTIRLLDPPLHEFLPEGNIEDIV
SELCAETGANQEDALARIEKLSEVNPMLGFRGCRLGISYPELTEMQARAIFEAAIAMTNQGVQVFPEIMVPLVGTPQELG
HQVTLIRQVAEKVFANVGKTIGYKVGTMIEIPRAALVADEIAEQAEFFSFGTNDLTQMTFGYSRDDVGKFIPVYLAQGIL
QHDPFEVLDQRGVGELVKFATERGRKARPNLKVGICGEHGGEPSSVAFFAKAGLDYVSCSPFRVPIARLAAAQVLV
;
_entity_poly.pdbx_strand_id   A
#
loop_
_chem_comp.id
_chem_comp.type
_chem_comp.name
_chem_comp.formula
MG non-polymer 'MAGNESIUM ION' 'Mg 2'
PEP non-polymer PHOSPHOENOLPYRUVATE 'C3 H5 O6 P'
SO4 non-polymer 'SULFATE ION' 'O4 S -2'
#
# COMPACT_ATOMS: atom_id res chain seq x y z
N LYS A 3 -27.05 33.39 11.89
CA LYS A 3 -25.87 32.83 12.61
C LYS A 3 -24.60 33.14 11.83
N LYS A 4 -23.77 34.04 12.35
CA LYS A 4 -22.52 34.41 11.67
C LYS A 4 -21.26 33.90 12.35
N ARG A 5 -21.40 33.34 13.55
CA ARG A 5 -20.23 32.83 14.27
C ARG A 5 -20.52 31.52 14.99
N VAL A 6 -21.81 31.26 15.23
CA VAL A 6 -22.23 30.03 15.90
C VAL A 6 -23.37 29.37 15.13
N PHE A 7 -23.09 28.17 14.65
CA PHE A 7 -24.05 27.41 13.85
C PHE A 7 -24.52 26.14 14.56
N HIS A 8 -25.82 26.03 14.84
CA HIS A 8 -26.32 24.82 15.50
C HIS A 8 -26.64 23.67 14.50
N PHE A 9 -26.88 22.47 14.98
CA PHE A 9 -27.19 21.44 14.01
C PHE A 9 -27.88 20.31 14.70
N GLY A 10 -28.74 19.62 13.95
CA GLY A 10 -29.46 18.50 14.50
C GLY A 10 -30.06 17.69 13.37
N LYS A 11 -30.76 16.61 13.69
CA LYS A 11 -31.37 15.77 12.67
C LYS A 11 -32.13 16.63 11.67
N GLY A 12 -31.63 16.69 10.44
CA GLY A 12 -32.27 17.48 9.40
C GLY A 12 -32.25 18.98 9.59
N LYS A 13 -31.35 19.47 10.42
CA LYS A 13 -31.26 20.90 10.67
C LYS A 13 -29.82 21.35 10.89
N SER A 14 -29.43 22.43 10.21
CA SER A 14 -28.09 22.97 10.35
C SER A 14 -27.91 24.24 9.52
N GLU A 15 -27.42 25.29 10.16
CA GLU A 15 -27.20 26.56 9.49
C GLU A 15 -26.02 26.48 8.53
N GLY A 16 -25.00 25.70 8.88
CA GLY A 16 -23.86 25.56 7.99
C GLY A 16 -24.12 24.46 6.97
N ASN A 17 -23.16 24.24 6.08
CA ASN A 17 -23.28 23.21 5.06
C ASN A 17 -21.91 22.61 4.74
N LYS A 18 -21.92 21.47 4.06
CA LYS A 18 -20.70 20.74 3.68
C LYS A 18 -19.58 21.52 3.00
N THR A 19 -19.88 22.73 2.54
CA THR A 19 -18.86 23.53 1.84
C THR A 19 -18.04 24.45 2.73
N MET A 20 -18.55 24.72 3.93
CA MET A 20 -17.87 25.61 4.86
C MET A 20 -16.73 25.03 5.70
N LYS A 21 -15.71 24.50 5.03
CA LYS A 21 -14.56 23.92 5.71
C LYS A 21 -13.68 25.02 6.30
N GLU A 22 -13.78 26.21 5.73
CA GLU A 22 -13.00 27.36 6.18
C GLU A 22 -13.52 27.90 7.52
N LEU A 23 -14.82 28.21 7.58
CA LEU A 23 -15.46 28.74 8.78
C LEU A 23 -15.76 27.71 9.86
N LEU A 24 -16.36 26.60 9.46
CA LEU A 24 -16.74 25.54 10.40
C LEU A 24 -15.64 24.50 10.65
N GLY A 25 -14.51 24.64 9.96
CA GLY A 25 -13.46 23.67 10.14
C GLY A 25 -13.88 22.37 9.48
N GLY A 26 -12.94 21.47 9.26
CA GLY A 26 -13.25 20.20 8.63
C GLY A 26 -14.33 19.41 9.35
N LYS A 27 -14.20 19.33 10.67
CA LYS A 27 -15.16 18.58 11.48
C LYS A 27 -16.52 19.26 11.54
N GLY A 28 -16.52 20.58 11.62
CA GLY A 28 -17.78 21.31 11.68
C GLY A 28 -18.57 21.12 10.41
N ALA A 29 -17.90 21.30 9.28
CA ALA A 29 -18.55 21.15 7.97
C ALA A 29 -19.14 19.75 7.80
N ASN A 30 -18.44 18.74 8.31
CA ASN A 30 -18.93 17.36 8.20
C ASN A 30 -20.15 17.14 9.07
N LEU A 31 -20.11 17.67 10.29
CA LEU A 31 -21.23 17.53 11.21
C LEU A 31 -22.46 18.17 10.57
N ALA A 32 -22.26 19.34 9.96
CA ALA A 32 -23.35 20.06 9.30
C ALA A 32 -23.91 19.26 8.16
N GLU A 33 -23.01 18.64 7.40
CA GLU A 33 -23.42 17.83 6.24
C GLU A 33 -24.22 16.62 6.70
N MET A 34 -23.70 15.94 7.72
CA MET A 34 -24.34 14.76 8.28
C MET A 34 -25.76 15.07 8.74
N ALA A 35 -25.90 16.26 9.31
CA ALA A 35 -27.19 16.73 9.81
C ALA A 35 -28.10 17.16 8.67
N SER A 36 -27.50 17.85 7.71
CA SER A 36 -28.21 18.37 6.55
C SER A 36 -28.89 17.27 5.71
N ILE A 37 -28.47 16.02 5.87
CA ILE A 37 -29.05 14.93 5.10
C ILE A 37 -29.98 14.01 5.90
N GLY A 38 -30.28 14.43 7.13
CA GLY A 38 -31.21 13.72 8.01
C GLY A 38 -30.63 12.59 8.87
N LEU A 39 -29.35 12.69 9.25
CA LEU A 39 -28.74 11.66 10.10
C LEU A 39 -29.04 12.00 11.56
N SER A 40 -29.34 10.95 12.33
CA SER A 40 -29.69 11.09 13.76
C SER A 40 -28.48 11.42 14.62
N VAL A 41 -27.96 12.64 14.44
CA VAL A 41 -26.82 13.11 15.20
C VAL A 41 -27.24 14.01 16.35
N PRO A 42 -26.69 13.75 17.54
CA PRO A 42 -27.03 14.55 18.71
C PRO A 42 -26.82 16.02 18.35
N PRO A 43 -27.77 16.89 18.73
CA PRO A 43 -27.70 18.33 18.44
C PRO A 43 -26.51 19.07 19.05
N GLY A 44 -26.11 20.15 18.39
CA GLY A 44 -24.99 20.93 18.87
C GLY A 44 -24.77 22.16 17.99
N PHE A 45 -23.65 22.85 18.19
CA PHE A 45 -23.34 24.03 17.40
C PHE A 45 -21.84 24.19 17.22
N THR A 46 -21.44 24.98 16.23
CA THR A 46 -20.04 25.21 15.92
C THR A 46 -19.62 26.68 15.90
N VAL A 47 -18.56 27.01 16.63
CA VAL A 47 -18.04 28.37 16.68
C VAL A 47 -17.00 28.52 15.55
N SER A 48 -17.31 29.38 14.58
CA SER A 48 -16.44 29.61 13.41
C SER A 48 -15.00 29.96 13.74
N THR A 49 -14.13 29.78 12.75
CA THR A 49 -12.72 30.08 12.92
C THR A 49 -12.50 31.58 12.97
N GLU A 50 -13.50 32.35 12.51
CA GLU A 50 -13.40 33.80 12.57
C GLU A 50 -13.38 34.18 14.03
N ALA A 51 -14.30 33.60 14.79
CA ALA A 51 -14.40 33.84 16.22
C ALA A 51 -13.06 33.61 16.90
N CYS A 52 -12.25 32.72 16.32
CA CYS A 52 -10.95 32.41 16.88
C CYS A 52 -9.94 33.48 16.47
N GLN A 53 -10.13 34.02 15.27
CA GLN A 53 -9.24 35.07 14.75
C GLN A 53 -9.50 36.37 15.52
N GLN A 54 -10.77 36.76 15.59
CA GLN A 54 -11.16 37.98 16.29
C GLN A 54 -10.67 37.88 17.73
N TYR A 55 -10.63 36.65 18.24
CA TYR A 55 -10.18 36.38 19.60
C TYR A 55 -8.72 36.80 19.77
N GLN A 56 -7.83 36.17 19.01
CA GLN A 56 -6.41 36.44 19.06
C GLN A 56 -6.05 37.88 18.66
N ASP A 57 -6.90 38.50 17.84
CA ASP A 57 -6.65 39.86 17.38
C ASP A 57 -7.14 40.96 18.32
N ALA A 58 -8.35 40.79 18.85
CA ALA A 58 -8.91 41.77 19.78
C ALA A 58 -8.23 41.67 21.14
N GLY A 59 -6.91 41.51 21.12
CA GLY A 59 -6.15 41.41 22.35
C GLY A 59 -6.27 40.02 22.95
N CYS A 60 -6.31 39.01 22.09
CA CYS A 60 -6.44 37.61 22.51
C CYS A 60 -7.42 37.42 23.67
N ALA A 61 -8.61 38.00 23.52
CA ALA A 61 -9.68 37.92 24.53
C ALA A 61 -11.02 37.63 23.86
N LEU A 62 -11.96 37.08 24.62
CA LEU A 62 -13.29 36.74 24.10
C LEU A 62 -13.96 37.90 23.39
N PRO A 63 -14.23 37.76 22.08
CA PRO A 63 -14.88 38.78 21.24
C PRO A 63 -16.28 39.21 21.71
N ALA A 64 -16.70 40.39 21.27
CA ALA A 64 -18.01 40.95 21.65
C ALA A 64 -19.20 40.35 20.91
N GLY A 65 -20.18 39.89 21.68
CA GLY A 65 -21.36 39.30 21.09
C GLY A 65 -21.29 37.78 20.96
N LEU A 66 -20.08 37.25 20.89
CA LEU A 66 -19.89 35.82 20.75
C LEU A 66 -20.65 35.03 21.82
N TRP A 67 -20.33 35.30 23.08
CA TRP A 67 -20.99 34.61 24.20
C TRP A 67 -22.51 34.67 24.07
N ALA A 68 -23.02 35.77 23.53
CA ALA A 68 -24.45 35.93 23.34
C ALA A 68 -24.95 34.82 22.42
N GLU A 69 -24.31 34.73 21.25
CA GLU A 69 -24.64 33.72 20.24
C GLU A 69 -24.48 32.30 20.79
N ILE A 70 -23.40 32.08 21.53
CA ILE A 70 -23.12 30.78 22.12
C ILE A 70 -24.32 30.39 22.99
N VAL A 71 -24.82 31.34 23.77
CA VAL A 71 -25.97 31.10 24.63
C VAL A 71 -27.21 30.75 23.80
N ASP A 72 -27.40 31.45 22.68
CA ASP A 72 -28.53 31.17 21.80
C ASP A 72 -28.42 29.70 21.41
N GLY A 73 -27.23 29.33 20.92
CA GLY A 73 -26.98 27.97 20.49
C GLY A 73 -27.33 26.93 21.53
N LEU A 74 -26.81 27.07 22.74
CA LEU A 74 -27.10 26.12 23.81
C LEU A 74 -28.59 26.05 24.10
N GLN A 75 -29.25 27.21 24.17
CA GLN A 75 -30.67 27.25 24.45
C GLN A 75 -31.37 26.45 23.37
N TRP A 76 -30.97 26.66 22.12
CA TRP A 76 -31.53 25.96 20.97
C TRP A 76 -31.38 24.45 21.16
N VAL A 77 -30.19 24.02 21.58
CA VAL A 77 -29.90 22.61 21.80
C VAL A 77 -30.71 22.01 22.96
N GLU A 78 -30.78 22.75 24.06
CA GLU A 78 -31.52 22.33 25.25
C GLU A 78 -32.99 22.13 24.92
N GLU A 79 -33.58 23.14 24.29
CA GLU A 79 -34.97 23.12 23.89
C GLU A 79 -35.18 21.94 22.95
N TYR A 80 -34.15 21.66 22.15
CA TYR A 80 -34.20 20.59 21.17
C TYR A 80 -34.18 19.21 21.84
N MET A 81 -33.24 19.00 22.75
CA MET A 81 -33.08 17.72 23.44
C MET A 81 -34.03 17.41 24.59
N GLY A 82 -34.66 18.44 25.15
CA GLY A 82 -35.56 18.20 26.25
C GLY A 82 -34.70 17.93 27.47
N ALA A 83 -33.76 18.85 27.72
CA ALA A 83 -32.85 18.75 28.85
C ALA A 83 -32.20 20.12 29.08
N THR A 84 -31.70 20.36 30.28
CA THR A 84 -31.10 21.66 30.56
C THR A 84 -29.74 21.51 31.23
N LEU A 85 -28.87 22.47 30.94
CA LEU A 85 -27.51 22.53 31.46
C LEU A 85 -27.49 22.88 32.95
N GLY A 86 -27.08 21.89 33.76
CA GLY A 86 -26.99 22.04 35.20
C GLY A 86 -28.33 21.85 35.89
N ASP A 87 -29.00 20.74 35.52
CA ASP A 87 -30.31 20.39 36.07
C ASP A 87 -30.37 18.87 36.28
N PRO A 88 -30.44 18.41 37.54
CA PRO A 88 -30.50 16.97 37.86
C PRO A 88 -31.64 16.21 37.26
N GLN A 89 -32.80 16.87 37.19
CA GLN A 89 -34.02 16.24 36.64
C GLN A 89 -33.91 16.00 35.14
N ARG A 90 -33.75 17.08 34.40
CA ARG A 90 -33.58 17.07 32.93
C ARG A 90 -32.12 17.50 32.60
N PRO A 91 -31.11 16.68 32.99
CA PRO A 91 -29.66 16.93 32.75
C PRO A 91 -29.22 17.02 31.33
N LEU A 92 -28.26 17.93 31.07
CA LEU A 92 -27.66 18.13 29.75
C LEU A 92 -26.13 18.21 29.86
N LEU A 93 -25.46 17.17 29.38
CA LEU A 93 -23.99 17.07 29.38
C LEU A 93 -23.49 17.31 27.96
N LEU A 94 -22.38 18.05 27.83
CA LEU A 94 -21.81 18.38 26.52
C LEU A 94 -20.40 17.88 26.32
N SER A 95 -20.01 17.91 25.04
CA SER A 95 -18.68 17.51 24.57
C SER A 95 -18.09 18.69 23.78
N VAL A 96 -16.81 18.98 23.98
CA VAL A 96 -16.19 20.11 23.31
C VAL A 96 -14.95 19.67 22.56
N ARG A 97 -15.02 19.72 21.24
CA ARG A 97 -13.90 19.34 20.38
C ARG A 97 -13.45 20.52 19.54
N SER A 98 -12.18 20.51 19.15
CA SER A 98 -11.63 21.56 18.32
C SER A 98 -11.63 21.06 16.87
N GLY A 99 -10.97 21.77 15.97
CA GLY A 99 -10.93 21.33 14.59
C GLY A 99 -10.78 22.46 13.59
N ALA A 100 -9.68 22.44 12.85
CA ALA A 100 -9.40 23.47 11.83
C ALA A 100 -9.87 23.00 10.46
N ALA A 101 -9.54 23.77 9.42
CA ALA A 101 -9.94 23.42 8.06
C ALA A 101 -9.09 22.26 7.57
N VAL A 102 -7.90 22.10 8.16
CA VAL A 102 -7.00 21.02 7.80
C VAL A 102 -6.55 20.35 9.08
N SER A 103 -5.81 19.24 8.95
CA SER A 103 -5.33 18.54 10.13
C SER A 103 -4.37 19.47 10.86
N MET A 104 -4.38 19.39 12.19
CA MET A 104 -3.53 20.23 13.03
C MET A 104 -3.34 19.65 14.42
N PRO A 105 -2.12 19.24 14.75
CA PRO A 105 -1.82 18.67 16.07
C PRO A 105 -1.63 19.79 17.10
N GLY A 106 -1.51 19.42 18.37
CA GLY A 106 -1.34 20.41 19.42
C GLY A 106 -2.59 21.17 19.85
N MET A 107 -3.74 20.83 19.28
CA MET A 107 -4.99 21.49 19.63
C MET A 107 -5.59 20.83 20.87
N MET A 108 -6.42 21.58 21.57
CA MET A 108 -7.06 21.11 22.78
C MET A 108 -7.75 19.77 22.62
N ASP A 109 -7.43 18.84 23.50
CA ASP A 109 -8.02 17.51 23.47
C ASP A 109 -9.51 17.56 23.76
N THR A 110 -10.24 16.57 23.24
CA THR A 110 -11.67 16.47 23.42
C THR A 110 -12.05 16.39 24.90
N VAL A 111 -13.08 17.14 25.28
CA VAL A 111 -13.57 17.15 26.66
C VAL A 111 -15.00 16.64 26.70
N LEU A 112 -15.22 15.52 27.38
CA LEU A 112 -16.55 14.95 27.46
C LEU A 112 -17.28 15.28 28.78
N ASN A 113 -18.61 15.19 28.72
CA ASN A 113 -19.50 15.43 29.86
C ASN A 113 -19.38 16.77 30.57
N LEU A 114 -19.24 17.85 29.81
CA LEU A 114 -19.15 19.18 30.40
C LEU A 114 -20.54 19.60 30.89
N GLY A 115 -20.56 20.41 31.95
CA GLY A 115 -21.81 20.87 32.53
C GLY A 115 -22.20 19.93 33.66
N LEU A 116 -21.20 19.26 34.22
CA LEU A 116 -21.40 18.31 35.31
C LEU A 116 -20.95 18.87 36.67
N ASN A 117 -21.68 18.52 37.73
CA ASN A 117 -21.34 18.97 39.08
C ASN A 117 -21.87 17.97 40.10
N ASP A 118 -21.71 18.29 41.38
CA ASP A 118 -22.17 17.40 42.44
C ASP A 118 -23.68 17.14 42.31
N GLU A 119 -24.42 18.19 42.00
CA GLU A 119 -25.87 18.09 41.85
C GLU A 119 -26.24 17.26 40.61
N VAL A 120 -25.61 17.57 39.49
CA VAL A 120 -25.87 16.86 38.24
C VAL A 120 -25.38 15.42 38.32
N ALA A 121 -24.24 15.21 38.96
CA ALA A 121 -23.67 13.87 39.11
C ALA A 121 -24.68 12.94 39.79
N ALA A 122 -25.39 13.48 40.77
CA ALA A 122 -26.40 12.74 41.50
C ALA A 122 -27.59 12.49 40.58
N GLY A 123 -27.98 13.53 39.83
CA GLY A 123 -29.09 13.40 38.90
C GLY A 123 -28.77 12.38 37.83
N LEU A 124 -27.48 12.13 37.64
CA LEU A 124 -26.99 11.17 36.65
C LEU A 124 -27.01 9.75 37.21
N ALA A 125 -26.65 9.63 38.49
CA ALA A 125 -26.66 8.32 39.14
C ALA A 125 -28.07 7.74 39.10
N ALA A 126 -29.04 8.63 38.86
CA ALA A 126 -30.45 8.27 38.80
C ALA A 126 -30.73 7.09 37.87
N LYS A 127 -30.53 7.30 36.57
CA LYS A 127 -30.80 6.24 35.59
C LYS A 127 -29.58 5.46 35.10
N SER A 128 -28.40 6.09 35.13
CA SER A 128 -27.19 5.43 34.67
C SER A 128 -26.49 4.62 35.74
N GLY A 129 -26.70 4.99 37.00
CA GLY A 129 -26.06 4.28 38.09
C GLY A 129 -25.14 5.21 38.86
N GLU A 130 -24.77 4.80 40.07
CA GLU A 130 -23.89 5.60 40.92
C GLU A 130 -22.42 5.45 40.54
N ARG A 131 -21.95 4.21 40.45
CA ARG A 131 -20.56 3.95 40.11
C ARG A 131 -20.17 4.64 38.80
N PHE A 132 -21.08 4.66 37.84
CA PHE A 132 -20.79 5.29 36.56
C PHE A 132 -20.77 6.80 36.68
N ALA A 133 -21.79 7.34 37.36
CA ALA A 133 -21.91 8.78 37.54
C ALA A 133 -20.66 9.43 38.13
N TYR A 134 -20.25 8.95 39.30
CA TYR A 134 -19.09 9.50 39.99
C TYR A 134 -17.77 9.17 39.32
N ASP A 135 -17.72 8.04 38.63
CA ASP A 135 -16.50 7.69 37.92
C ASP A 135 -16.35 8.72 36.81
N SER A 136 -17.48 9.07 36.19
CA SER A 136 -17.52 10.06 35.12
C SER A 136 -17.18 11.44 35.69
N PHE A 137 -17.71 11.75 36.87
CA PHE A 137 -17.46 13.04 37.50
C PHE A 137 -15.99 13.18 37.82
N ARG A 138 -15.38 12.08 38.28
CA ARG A 138 -13.96 12.09 38.61
C ARG A 138 -13.17 12.38 37.34
N ARG A 139 -13.44 11.63 36.28
CA ARG A 139 -12.74 11.80 35.01
C ARG A 139 -12.93 13.22 34.47
N PHE A 140 -14.14 13.74 34.56
CA PHE A 140 -14.40 15.10 34.07
C PHE A 140 -13.56 16.12 34.84
N LEU A 141 -13.57 16.03 36.17
CA LEU A 141 -12.81 16.94 37.00
C LEU A 141 -11.34 16.91 36.55
N ASP A 142 -10.84 15.70 36.33
CA ASP A 142 -9.46 15.49 35.89
C ASP A 142 -9.26 16.15 34.52
N MET A 143 -10.00 15.67 33.52
CA MET A 143 -9.92 16.20 32.16
C MET A 143 -10.11 17.71 32.09
N PHE A 144 -11.24 18.20 32.57
CA PHE A 144 -11.53 19.63 32.54
C PHE A 144 -10.43 20.42 33.25
N GLY A 145 -9.91 19.86 34.34
CA GLY A 145 -8.87 20.53 35.08
C GLY A 145 -7.55 20.62 34.35
N ASN A 146 -7.17 19.53 33.69
CA ASN A 146 -5.90 19.48 32.96
C ASN A 146 -5.92 20.23 31.63
N VAL A 147 -6.96 20.02 30.85
CA VAL A 147 -7.08 20.64 29.54
C VAL A 147 -7.59 22.08 29.53
N VAL A 148 -8.50 22.39 30.46
CA VAL A 148 -9.08 23.73 30.54
C VAL A 148 -8.45 24.63 31.60
N MET A 149 -8.11 24.06 32.75
CA MET A 149 -7.52 24.84 33.83
C MET A 149 -6.00 24.74 33.95
N ASP A 150 -5.39 23.91 33.11
CA ASP A 150 -3.94 23.70 33.07
C ASP A 150 -3.38 23.16 34.40
N ILE A 151 -4.09 22.20 34.97
CA ILE A 151 -3.66 21.58 36.22
C ILE A 151 -2.99 20.26 35.85
N PRO A 152 -1.75 20.02 36.34
CA PRO A 152 -1.03 18.78 36.04
C PRO A 152 -1.87 17.53 36.38
N ARG A 153 -1.89 16.58 35.45
CA ARG A 153 -2.64 15.36 35.67
C ARG A 153 -2.04 14.65 36.88
N SER A 154 -0.73 14.82 37.06
CA SER A 154 -0.01 14.21 38.16
C SER A 154 -0.66 14.50 39.51
N LEU A 155 -1.14 15.72 39.69
CA LEU A 155 -1.80 16.09 40.94
C LEU A 155 -3.01 15.19 41.17
N PHE A 156 -3.71 14.85 40.08
CA PHE A 156 -4.88 14.00 40.16
C PHE A 156 -4.51 12.53 40.35
N GLU A 157 -3.49 12.09 39.61
CA GLU A 157 -3.03 10.70 39.69
C GLU A 157 -2.36 10.42 41.02
N GLU A 158 -1.91 11.48 41.69
CA GLU A 158 -1.24 11.36 42.98
C GLU A 158 -2.25 10.88 44.02
N LYS A 159 -3.51 11.27 43.85
CA LYS A 159 -4.56 10.88 44.78
C LYS A 159 -5.31 9.62 44.34
N LEU A 160 -5.20 9.29 43.06
CA LEU A 160 -5.85 8.10 42.55
C LEU A 160 -5.07 6.85 42.96
N GLU A 161 -3.74 6.91 42.91
CA GLU A 161 -2.94 5.76 43.32
C GLU A 161 -2.67 5.78 44.81
N HIS A 162 -2.80 6.94 45.44
CA HIS A 162 -2.59 7.03 46.87
C HIS A 162 -3.82 6.42 47.56
N MET A 163 -4.92 6.33 46.81
CA MET A 163 -6.16 5.77 47.34
C MET A 163 -6.08 4.26 47.36
N LYS A 164 -5.52 3.69 46.30
CA LYS A 164 -5.38 2.26 46.22
C LYS A 164 -4.38 1.76 47.27
N GLU A 165 -3.36 2.58 47.51
CA GLU A 165 -2.31 2.25 48.47
C GLU A 165 -2.94 2.06 49.85
N SER A 166 -4.15 2.59 50.01
CA SER A 166 -4.86 2.46 51.26
C SER A 166 -6.01 1.47 51.08
N LYS A 167 -6.67 1.55 49.93
CA LYS A 167 -7.80 0.67 49.62
C LYS A 167 -7.36 -0.77 49.43
N GLY A 168 -6.65 -1.06 48.34
CA GLY A 168 -6.18 -2.41 48.11
C GLY A 168 -6.09 -2.83 46.66
N LEU A 169 -6.14 -1.89 45.73
CA LEU A 169 -6.06 -2.26 44.31
C LEU A 169 -5.25 -1.25 43.51
N LYS A 170 -4.97 -1.56 42.24
CA LYS A 170 -4.19 -0.63 41.41
C LYS A 170 -4.87 -0.53 40.04
N ASN A 171 -5.63 -1.57 39.70
CA ASN A 171 -6.35 -1.64 38.44
C ASN A 171 -7.74 -1.02 38.63
N ASP A 172 -7.83 0.28 38.43
CA ASP A 172 -9.08 1.01 38.58
C ASP A 172 -10.24 0.31 37.88
N THR A 173 -11.25 -0.05 38.64
CA THR A 173 -12.44 -0.73 38.15
C THR A 173 -13.08 -1.38 39.37
N ASP A 174 -12.28 -1.46 40.43
CA ASP A 174 -12.72 -2.03 41.69
C ASP A 174 -13.26 -0.93 42.59
N LEU A 175 -12.79 0.30 42.36
CA LEU A 175 -13.23 1.46 43.14
C LEU A 175 -14.75 1.51 43.25
N THR A 176 -15.26 1.41 44.47
CA THR A 176 -16.70 1.43 44.70
C THR A 176 -17.29 2.84 44.52
N ALA A 177 -18.62 2.92 44.59
CA ALA A 177 -19.32 4.18 44.46
C ALA A 177 -18.82 5.21 45.48
N SER A 178 -18.80 4.83 46.76
CA SER A 178 -18.36 5.73 47.82
C SER A 178 -16.90 6.13 47.59
N ASP A 179 -16.08 5.16 47.17
CA ASP A 179 -14.67 5.43 46.91
C ASP A 179 -14.55 6.53 45.87
N LEU A 180 -15.41 6.47 44.86
CA LEU A 180 -15.41 7.46 43.80
C LEU A 180 -15.85 8.81 44.36
N LYS A 181 -16.88 8.80 45.21
CA LYS A 181 -17.36 10.04 45.81
C LYS A 181 -16.27 10.68 46.65
N GLU A 182 -15.44 9.85 47.30
CA GLU A 182 -14.35 10.35 48.14
C GLU A 182 -13.29 10.99 47.26
N LEU A 183 -13.03 10.40 46.10
CA LEU A 183 -12.04 10.93 45.18
C LEU A 183 -12.55 12.24 44.58
N VAL A 184 -13.85 12.30 44.30
CA VAL A 184 -14.44 13.53 43.75
C VAL A 184 -14.12 14.69 44.68
N GLY A 185 -14.23 14.44 45.99
CA GLY A 185 -13.94 15.46 46.95
C GLY A 185 -12.46 15.82 46.95
N GLN A 186 -11.62 14.80 46.92
CA GLN A 186 -10.18 15.01 46.90
C GLN A 186 -9.71 15.74 45.63
N TYR A 187 -10.40 15.50 44.53
CA TYR A 187 -10.05 16.14 43.26
C TYR A 187 -10.34 17.64 43.29
N LYS A 188 -11.51 18.01 43.82
CA LYS A 188 -11.88 19.42 43.90
C LYS A 188 -10.90 20.21 44.76
N GLU A 189 -10.30 19.55 45.75
CA GLU A 189 -9.34 20.21 46.62
C GLU A 189 -8.07 20.51 45.82
N VAL A 190 -7.82 19.68 44.81
CA VAL A 190 -6.66 19.88 43.94
C VAL A 190 -6.88 21.20 43.19
N TYR A 191 -8.13 21.52 42.92
CA TYR A 191 -8.45 22.77 42.23
C TYR A 191 -8.09 23.96 43.10
N LEU A 192 -8.35 23.85 44.40
CA LEU A 192 -8.04 24.93 45.33
C LEU A 192 -6.53 25.02 45.58
N SER A 193 -5.87 23.88 45.67
CA SER A 193 -4.44 23.87 45.92
C SER A 193 -3.60 24.37 44.74
N ALA A 194 -3.95 23.93 43.54
CA ALA A 194 -3.21 24.32 42.35
C ALA A 194 -3.61 25.69 41.76
N LYS A 195 -4.91 25.90 41.54
CA LYS A 195 -5.42 27.14 40.97
C LYS A 195 -5.69 28.24 41.98
N GLY A 196 -5.85 27.86 43.24
CA GLY A 196 -6.13 28.84 44.27
C GLY A 196 -7.64 28.96 44.42
N GLU A 197 -8.35 28.99 43.31
CA GLU A 197 -9.80 29.10 43.32
C GLU A 197 -10.45 27.72 43.14
N PRO A 198 -11.77 27.62 43.40
CA PRO A 198 -12.51 26.37 43.27
C PRO A 198 -12.90 25.96 41.86
N PHE A 199 -13.29 24.69 41.72
CA PHE A 199 -13.73 24.14 40.44
C PHE A 199 -15.04 24.83 40.05
N PRO A 200 -15.08 25.44 38.86
CA PRO A 200 -16.31 26.11 38.42
C PRO A 200 -17.47 25.13 38.38
N SER A 201 -18.37 25.23 39.34
CA SER A 201 -19.53 24.34 39.42
C SER A 201 -20.66 24.79 38.49
N ASP A 202 -20.59 26.03 38.03
CA ASP A 202 -21.60 26.58 37.12
C ASP A 202 -21.32 26.13 35.69
N PRO A 203 -22.19 25.27 35.14
CA PRO A 203 -22.04 24.76 33.77
C PRO A 203 -21.61 25.84 32.78
N LYS A 204 -22.30 26.98 32.83
CA LYS A 204 -21.99 28.08 31.91
C LYS A 204 -20.54 28.54 31.99
N LYS A 205 -20.00 28.60 33.20
CA LYS A 205 -18.61 29.02 33.39
C LYS A 205 -17.66 28.00 32.77
N GLN A 206 -17.98 26.72 32.92
CA GLN A 206 -17.16 25.66 32.34
C GLN A 206 -17.09 25.85 30.83
N LEU A 207 -18.27 25.91 30.21
CA LEU A 207 -18.36 26.08 28.76
C LEU A 207 -17.49 27.25 28.30
N GLU A 208 -17.74 28.43 28.88
CA GLU A 208 -16.98 29.62 28.50
C GLU A 208 -15.48 29.30 28.52
N LEU A 209 -15.01 28.76 29.64
CA LEU A 209 -13.60 28.41 29.78
C LEU A 209 -13.16 27.45 28.68
N ALA A 210 -13.95 26.41 28.46
CA ALA A 210 -13.66 25.41 27.45
C ALA A 210 -13.45 26.05 26.07
N VAL A 211 -14.32 27.00 25.73
CA VAL A 211 -14.22 27.68 24.44
C VAL A 211 -12.88 28.40 24.36
N LEU A 212 -12.60 29.19 25.40
CA LEU A 212 -11.36 29.95 25.48
C LEU A 212 -10.17 28.99 25.45
N ALA A 213 -10.35 27.81 26.03
CA ALA A 213 -9.29 26.82 26.06
C ALA A 213 -8.97 26.39 24.63
N VAL A 214 -10.01 26.21 23.82
CA VAL A 214 -9.83 25.81 22.44
C VAL A 214 -9.14 26.92 21.63
N PHE A 215 -9.64 28.14 21.72
CA PHE A 215 -9.04 29.24 20.97
C PHE A 215 -7.54 29.33 21.27
N ASN A 216 -7.18 29.17 22.54
CA ASN A 216 -5.79 29.24 22.96
C ASN A 216 -4.96 28.06 22.47
N SER A 217 -5.62 26.97 22.07
CA SER A 217 -4.91 25.77 21.60
C SER A 217 -4.35 25.93 20.19
N TRP A 218 -4.81 26.96 19.48
CA TRP A 218 -4.34 27.23 18.13
C TRP A 218 -2.90 27.72 18.15
N GLU A 219 -2.55 28.45 19.20
CA GLU A 219 -1.20 28.98 19.33
C GLU A 219 -0.29 28.12 20.22
N SER A 220 -0.71 26.90 20.53
CA SER A 220 0.08 26.02 21.38
C SER A 220 1.42 25.67 20.72
N PRO A 221 2.41 25.27 21.52
CA PRO A 221 3.75 24.91 21.01
C PRO A 221 3.71 23.92 19.86
N ARG A 222 3.19 22.72 20.12
CA ARG A 222 3.09 21.67 19.11
C ARG A 222 2.40 22.18 17.84
N ALA A 223 1.27 22.85 18.01
CA ALA A 223 0.50 23.37 16.89
C ALA A 223 1.25 24.39 16.04
N LYS A 224 2.11 25.18 16.67
CA LYS A 224 2.87 26.18 15.94
C LYS A 224 4.07 25.56 15.22
N LYS A 225 4.76 24.63 15.88
CA LYS A 225 5.91 23.97 15.26
C LYS A 225 5.45 23.30 13.98
N TYR A 226 4.34 22.57 14.07
CA TYR A 226 3.76 21.87 12.94
C TYR A 226 3.49 22.83 11.79
N ARG A 227 2.79 23.92 12.11
CA ARG A 227 2.44 24.93 11.11
C ARG A 227 3.71 25.56 10.54
N SER A 228 4.68 25.79 11.40
CA SER A 228 5.95 26.39 11.02
C SER A 228 6.76 25.50 10.08
N ILE A 229 6.63 24.18 10.26
CA ILE A 229 7.37 23.22 9.44
C ILE A 229 6.81 23.08 8.02
N ASN A 230 5.49 22.99 7.88
CA ASN A 230 4.85 22.82 6.59
C ASN A 230 4.57 24.17 5.89
N GLN A 231 5.01 25.26 6.51
CA GLN A 231 4.78 26.59 5.94
C GLN A 231 3.29 26.82 5.67
N ILE A 232 2.46 26.41 6.63
CA ILE A 232 1.02 26.55 6.52
C ILE A 232 0.58 27.98 6.88
N THR A 233 0.08 28.73 5.90
CA THR A 233 -0.35 30.10 6.15
C THR A 233 -1.77 30.39 5.65
N GLY A 234 -2.31 31.55 6.02
CA GLY A 234 -3.64 31.93 5.61
C GLY A 234 -4.74 31.41 6.53
N LEU A 235 -4.60 30.16 6.93
CA LEU A 235 -5.53 29.46 7.83
C LEU A 235 -6.62 30.32 8.46
N ARG A 236 -6.28 31.01 9.55
CA ARG A 236 -7.17 31.91 10.30
C ARG A 236 -7.57 31.40 11.68
N GLY A 237 -7.30 30.13 11.96
CA GLY A 237 -7.63 29.60 13.28
C GLY A 237 -8.46 28.33 13.29
N THR A 238 -8.85 27.89 14.49
CA THR A 238 -9.66 26.68 14.66
C THR A 238 -11.07 27.00 15.14
N ALA A 239 -12.00 26.09 14.86
CA ALA A 239 -13.40 26.24 15.26
C ALA A 239 -13.67 25.51 16.57
N VAL A 240 -14.89 25.67 17.10
CA VAL A 240 -15.25 25.00 18.34
C VAL A 240 -16.54 24.22 18.13
N ASN A 241 -16.42 22.89 18.08
CA ASN A 241 -17.58 22.04 17.87
C ASN A 241 -18.14 21.57 19.20
N VAL A 242 -19.37 21.97 19.49
CA VAL A 242 -20.06 21.61 20.73
C VAL A 242 -21.20 20.65 20.40
N GLN A 243 -21.42 19.64 21.24
CA GLN A 243 -22.48 18.67 21.00
C GLN A 243 -22.96 18.00 22.29
N CYS A 244 -24.16 17.40 22.22
N CYS A 244 -24.16 17.42 22.23
CA CYS A 244 -24.75 16.71 23.37
CA CYS A 244 -24.77 16.73 23.37
C CYS A 244 -24.20 15.32 23.59
C CYS A 244 -24.25 15.31 23.59
N MET A 245 -24.03 14.95 24.85
CA MET A 245 -23.55 13.63 25.21
C MET A 245 -24.76 12.73 25.22
N VAL A 246 -24.54 11.42 25.06
CA VAL A 246 -25.63 10.45 25.06
C VAL A 246 -25.09 9.16 25.67
N PHE A 247 -25.97 8.37 26.28
CA PHE A 247 -25.55 7.13 26.93
C PHE A 247 -26.49 5.97 26.63
N GLY A 248 -25.93 4.77 26.62
CA GLY A 248 -26.74 3.59 26.36
C GLY A 248 -26.83 2.73 27.60
N ASN A 249 -26.68 3.37 28.76
CA ASN A 249 -26.73 2.68 30.05
C ASN A 249 -27.82 3.23 30.96
N MET A 250 -28.85 3.81 30.35
CA MET A 250 -29.96 4.35 31.12
C MET A 250 -31.10 3.34 31.15
N GLY A 251 -30.75 2.07 31.25
CA GLY A 251 -31.77 1.03 31.28
C GLY A 251 -31.70 0.09 30.09
N ASN A 252 -32.63 -0.86 30.05
CA ASN A 252 -32.68 -1.83 28.95
C ASN A 252 -33.23 -1.22 27.68
N THR A 253 -33.54 0.07 27.74
CA THR A 253 -34.06 0.80 26.59
C THR A 253 -32.92 1.62 26.00
N SER A 254 -31.69 1.16 26.25
CA SER A 254 -30.50 1.84 25.77
C SER A 254 -29.33 0.88 25.52
N GLY A 255 -28.31 1.37 24.83
CA GLY A 255 -27.13 0.57 24.53
C GLY A 255 -26.24 1.27 23.51
N THR A 256 -25.18 0.57 23.10
CA THR A 256 -24.22 1.06 22.13
C THR A 256 -23.82 -0.06 21.18
N GLY A 257 -23.49 0.31 19.93
CA GLY A 257 -23.12 -0.67 18.93
C GLY A 257 -22.32 -0.04 17.81
N VAL A 258 -21.61 -0.91 17.09
CA VAL A 258 -20.77 -0.58 15.97
C VAL A 258 -21.08 -1.57 14.84
N LEU A 259 -20.89 -1.12 13.61
CA LEU A 259 -21.15 -1.98 12.46
C LEU A 259 -20.68 -1.36 11.17
N PHE A 260 -20.63 -2.24 10.17
CA PHE A 260 -20.28 -1.91 8.80
C PHE A 260 -21.58 -2.09 8.01
N THR A 261 -21.93 -1.08 7.22
CA THR A 261 -23.16 -1.13 6.44
C THR A 261 -23.19 -2.33 5.49
N ARG A 262 -22.01 -2.94 5.34
CA ARG A 262 -21.82 -4.12 4.51
C ARG A 262 -20.70 -4.94 5.11
N ASN A 263 -20.74 -6.25 4.89
CA ASN A 263 -19.74 -7.14 5.42
C ASN A 263 -18.34 -6.79 4.90
N PRO A 264 -17.43 -6.39 5.80
CA PRO A 264 -16.05 -6.01 5.48
C PRO A 264 -15.15 -7.15 5.04
N ASN A 265 -15.66 -8.39 5.08
CA ASN A 265 -14.82 -9.53 4.66
C ASN A 265 -15.31 -10.12 3.36
N THR A 266 -16.62 -10.12 3.15
CA THR A 266 -17.17 -10.70 1.93
C THR A 266 -17.86 -9.72 0.99
N GLY A 267 -18.33 -8.59 1.51
CA GLY A 267 -19.00 -7.61 0.68
C GLY A 267 -20.51 -7.80 0.62
N GLU A 268 -21.01 -8.83 1.29
CA GLU A 268 -22.45 -9.10 1.32
C GLU A 268 -23.20 -7.88 1.83
N LYS A 269 -24.22 -7.47 1.10
CA LYS A 269 -25.02 -6.31 1.45
C LYS A 269 -25.95 -6.64 2.63
N LYS A 270 -25.38 -6.58 3.83
CA LYS A 270 -26.10 -6.91 5.05
C LYS A 270 -25.42 -6.19 6.21
N LEU A 271 -26.21 -5.62 7.11
CA LEU A 271 -25.61 -4.93 8.25
C LEU A 271 -24.79 -5.95 9.01
N TYR A 272 -23.57 -5.56 9.34
CA TYR A 272 -22.64 -6.45 10.03
C TYR A 272 -22.10 -5.73 11.25
N GLY A 273 -22.53 -6.14 12.42
CA GLY A 273 -22.06 -5.51 13.64
C GLY A 273 -22.45 -6.23 14.90
N GLU A 274 -22.50 -5.50 16.01
CA GLU A 274 -22.84 -6.06 17.31
C GLU A 274 -23.35 -4.96 18.21
N PHE A 275 -24.27 -5.33 19.11
CA PHE A 275 -24.86 -4.38 20.03
C PHE A 275 -24.72 -4.88 21.47
N LEU A 276 -24.50 -3.94 22.40
CA LEU A 276 -24.33 -4.27 23.80
C LEU A 276 -25.50 -3.63 24.54
N VAL A 277 -26.25 -4.44 25.27
CA VAL A 277 -27.40 -3.93 26.00
C VAL A 277 -27.01 -3.22 27.29
N ASN A 278 -27.61 -2.06 27.51
CA ASN A 278 -27.38 -1.25 28.71
C ASN A 278 -25.92 -1.16 29.13
N ALA A 279 -25.15 -0.34 28.41
CA ALA A 279 -23.73 -0.16 28.71
C ALA A 279 -23.10 0.86 27.76
N ARG A 289 -18.93 -7.07 30.27
CA ARG A 289 -19.88 -7.87 29.49
C ARG A 289 -19.29 -8.24 28.14
N THR A 290 -20.07 -8.97 27.36
CA THR A 290 -19.68 -9.38 26.00
C THR A 290 -20.85 -9.06 25.06
N PRO A 291 -20.55 -8.52 23.86
CA PRO A 291 -21.53 -8.13 22.84
C PRO A 291 -22.46 -9.21 22.27
N GLU A 292 -23.58 -8.75 21.72
CA GLU A 292 -24.58 -9.62 21.09
C GLU A 292 -24.82 -9.05 19.68
N ASP A 293 -25.06 -9.91 18.70
CA ASP A 293 -25.27 -9.44 17.33
C ASP A 293 -26.44 -8.47 17.13
N LEU A 294 -26.51 -7.90 15.94
CA LEU A 294 -27.53 -6.91 15.58
C LEU A 294 -28.99 -7.31 15.72
N ASP A 295 -29.38 -8.42 15.11
CA ASP A 295 -30.77 -8.91 15.18
C ASP A 295 -31.38 -8.75 16.57
N ALA A 296 -30.53 -8.80 17.60
CA ALA A 296 -30.97 -8.67 18.99
C ALA A 296 -31.42 -7.25 19.36
N MET A 297 -31.01 -6.27 18.58
CA MET A 297 -31.37 -4.88 18.87
C MET A 297 -32.84 -4.62 18.60
N LYS A 298 -33.30 -4.96 17.40
CA LYS A 298 -34.69 -4.77 17.01
C LYS A 298 -35.63 -5.48 17.98
N ASN A 299 -35.23 -6.67 18.40
CA ASN A 299 -36.03 -7.48 19.31
C ASN A 299 -36.07 -6.85 20.71
N LEU A 300 -35.60 -5.61 20.81
CA LEU A 300 -35.59 -4.90 22.08
C LEU A 300 -35.88 -3.40 21.90
N MET A 301 -35.44 -2.85 20.77
CA MET A 301 -35.64 -1.43 20.47
C MET A 301 -36.00 -1.28 19.00
N PRO A 302 -37.20 -1.73 18.61
CA PRO A 302 -37.73 -1.68 17.25
C PRO A 302 -37.61 -0.31 16.56
N GLN A 303 -38.16 0.71 17.18
CA GLN A 303 -38.10 2.05 16.61
C GLN A 303 -36.66 2.51 16.45
N ALA A 304 -35.76 1.93 17.24
CA ALA A 304 -34.34 2.29 17.19
C ALA A 304 -33.69 1.59 16.00
N TYR A 305 -33.85 0.27 15.93
CA TYR A 305 -33.26 -0.51 14.85
C TYR A 305 -33.76 -0.02 13.49
N ASP A 306 -34.99 0.48 13.46
CA ASP A 306 -35.55 0.97 12.20
C ASP A 306 -34.89 2.28 11.81
N GLU A 307 -34.57 3.09 12.82
CA GLU A 307 -33.95 4.38 12.57
C GLU A 307 -32.52 4.13 12.10
N LEU A 308 -31.88 3.13 12.70
CA LEU A 308 -30.53 2.76 12.33
C LEU A 308 -30.51 2.42 10.85
N VAL A 309 -31.43 1.57 10.45
CA VAL A 309 -31.55 1.16 9.06
C VAL A 309 -31.66 2.35 8.11
N GLU A 310 -32.57 3.27 8.40
CA GLU A 310 -32.73 4.43 7.53
C GLU A 310 -31.46 5.30 7.55
N ASN A 311 -30.74 5.31 8.68
CA ASN A 311 -29.51 6.10 8.77
C ASN A 311 -28.42 5.53 7.88
N CYS A 312 -28.29 4.21 7.89
CA CYS A 312 -27.28 3.55 7.10
C CYS A 312 -27.58 3.72 5.61
N ASN A 313 -28.86 3.60 5.23
CA ASN A 313 -29.24 3.77 3.83
C ASN A 313 -28.87 5.17 3.36
N ILE A 314 -29.08 6.17 4.23
CA ILE A 314 -28.77 7.57 3.91
C ILE A 314 -27.27 7.74 3.70
N LEU A 315 -26.49 7.15 4.61
CA LEU A 315 -25.04 7.23 4.55
C LEU A 315 -24.53 6.73 3.20
N GLU A 316 -24.99 5.56 2.81
CA GLU A 316 -24.52 4.97 1.56
C GLU A 316 -25.02 5.74 0.33
N SER A 317 -26.24 6.26 0.45
CA SER A 317 -26.87 7.01 -0.65
C SER A 317 -26.12 8.31 -0.92
N HIS A 318 -25.75 8.99 0.16
CA HIS A 318 -25.06 10.27 0.06
C HIS A 318 -23.53 10.17 -0.11
N TYR A 319 -22.89 9.34 0.73
CA TYR A 319 -21.41 9.20 0.67
C TYR A 319 -20.90 8.21 -0.37
N LYS A 320 -21.83 7.46 -0.98
CA LYS A 320 -21.47 6.50 -2.04
C LYS A 320 -20.38 5.54 -1.62
N GLU A 321 -20.47 5.04 -0.38
CA GLU A 321 -19.44 4.15 0.13
C GLU A 321 -19.91 3.42 1.38
N MET A 322 -19.39 2.21 1.60
CA MET A 322 -19.74 1.44 2.79
C MET A 322 -19.20 2.16 4.02
N GLN A 323 -19.90 2.07 5.14
CA GLN A 323 -19.50 2.83 6.32
C GLN A 323 -19.32 1.99 7.55
N ASP A 324 -18.34 2.40 8.36
CA ASP A 324 -18.01 1.80 9.64
C ASP A 324 -18.46 2.84 10.66
N ILE A 325 -19.42 2.46 11.50
CA ILE A 325 -19.97 3.42 12.45
C ILE A 325 -20.08 2.94 13.88
N GLU A 326 -20.40 3.92 14.73
CA GLU A 326 -20.62 3.75 16.15
C GLU A 326 -21.89 4.52 16.49
N PHE A 327 -22.86 3.81 17.05
CA PHE A 327 -24.12 4.44 17.41
C PHE A 327 -24.49 4.10 18.85
N THR A 328 -25.37 4.91 19.41
CA THR A 328 -25.84 4.73 20.77
C THR A 328 -27.32 5.01 20.87
N VAL A 329 -28.05 4.02 21.36
CA VAL A 329 -29.47 4.17 21.52
C VAL A 329 -29.75 4.48 22.98
N GLN A 330 -30.28 5.67 23.23
CA GLN A 330 -30.59 6.09 24.58
C GLN A 330 -32.08 6.12 24.78
N GLU A 331 -32.58 5.27 25.67
CA GLU A 331 -34.01 5.21 25.98
C GLU A 331 -34.86 5.11 24.72
N ASN A 332 -34.60 4.07 23.93
CA ASN A 332 -35.31 3.79 22.68
C ASN A 332 -35.14 4.82 21.56
N ARG A 333 -34.15 5.71 21.70
CA ARG A 333 -33.92 6.69 20.66
C ARG A 333 -32.48 6.57 20.16
N LEU A 334 -32.35 6.26 18.87
CA LEU A 334 -31.05 6.07 18.23
C LEU A 334 -30.25 7.33 17.97
N TRP A 335 -28.93 7.20 18.12
CA TRP A 335 -28.00 8.31 17.90
C TRP A 335 -26.78 7.86 17.10
N MET A 336 -26.44 8.67 16.10
CA MET A 336 -25.31 8.42 15.20
C MET A 336 -24.10 9.22 15.71
N LEU A 337 -23.08 8.53 16.19
CA LEU A 337 -21.93 9.23 16.72
C LEU A 337 -20.68 9.29 15.83
N GLN A 338 -20.26 8.17 15.25
CA GLN A 338 -19.08 8.17 14.40
C GLN A 338 -19.28 7.40 13.10
N CYS A 339 -18.91 8.03 11.99
CA CYS A 339 -19.05 7.40 10.68
C CYS A 339 -17.78 7.60 9.88
N ARG A 340 -17.32 6.54 9.24
CA ARG A 340 -16.12 6.63 8.42
C ARG A 340 -16.19 5.55 7.35
N THR A 341 -15.45 5.74 6.27
CA THR A 341 -15.45 4.76 5.21
C THR A 341 -14.84 3.52 5.83
N GLY A 342 -15.49 2.39 5.67
CA GLY A 342 -15.06 1.14 6.31
C GLY A 342 -13.96 0.35 5.60
N LYS A 343 -12.96 -0.05 6.40
CA LYS A 343 -11.86 -0.87 5.93
C LYS A 343 -12.51 -2.17 5.53
N ARG A 344 -11.91 -2.89 4.61
CA ARG A 344 -12.50 -4.13 4.14
C ARG A 344 -11.43 -4.91 3.40
N THR A 345 -11.68 -6.20 3.19
CA THR A 345 -10.74 -7.03 2.45
C THR A 345 -10.91 -6.68 0.96
N GLY A 346 -9.99 -7.19 0.15
CA GLY A 346 -10.07 -6.95 -1.27
C GLY A 346 -11.31 -7.61 -1.86
N LYS A 347 -11.67 -8.76 -1.31
CA LYS A 347 -12.82 -9.49 -1.80
C LYS A 347 -14.03 -8.62 -1.59
N SER A 348 -14.15 -8.05 -0.40
CA SER A 348 -15.26 -7.20 -0.06
C SER A 348 -15.24 -5.89 -0.87
N ALA A 349 -14.05 -5.36 -1.14
CA ALA A 349 -13.92 -4.12 -1.87
C ALA A 349 -14.48 -4.22 -3.29
N VAL A 350 -14.13 -5.30 -3.99
CA VAL A 350 -14.58 -5.54 -5.36
C VAL A 350 -16.07 -5.84 -5.47
N LYS A 351 -16.58 -6.67 -4.57
CA LYS A 351 -18.00 -6.99 -4.58
C LYS A 351 -18.84 -5.73 -4.32
N ILE A 352 -18.45 -4.95 -3.32
CA ILE A 352 -19.17 -3.72 -2.98
C ILE A 352 -19.16 -2.71 -4.12
N ALA A 353 -18.01 -2.55 -4.76
CA ALA A 353 -17.88 -1.61 -5.86
C ALA A 353 -18.79 -2.02 -7.00
N VAL A 354 -18.81 -3.31 -7.31
CA VAL A 354 -19.64 -3.81 -8.38
C VAL A 354 -21.14 -3.79 -8.03
N ASP A 355 -21.51 -4.12 -6.80
CA ASP A 355 -22.93 -4.10 -6.46
C ASP A 355 -23.44 -2.66 -6.45
N MET A 356 -22.63 -1.74 -5.95
CA MET A 356 -23.09 -0.37 -5.94
C MET A 356 -23.33 0.18 -7.36
N VAL A 357 -22.57 -0.31 -8.34
CA VAL A 357 -22.79 0.14 -9.71
C VAL A 357 -24.11 -0.50 -10.19
N ASN A 358 -24.25 -1.81 -9.98
CA ASN A 358 -25.47 -2.52 -10.38
C ASN A 358 -26.72 -1.95 -9.72
N GLU A 359 -26.56 -1.41 -8.51
CA GLU A 359 -27.65 -0.83 -7.75
C GLU A 359 -27.95 0.56 -8.29
N GLY A 360 -27.09 1.03 -9.18
CA GLY A 360 -27.27 2.37 -9.74
C GLY A 360 -26.89 3.44 -8.75
N LEU A 361 -26.11 3.07 -7.75
CA LEU A 361 -25.68 4.01 -6.73
C LEU A 361 -24.44 4.80 -7.19
N VAL A 362 -23.52 4.12 -7.88
CA VAL A 362 -22.33 4.82 -8.35
C VAL A 362 -22.05 4.40 -9.76
N GLU A 363 -21.34 5.22 -10.50
CA GLU A 363 -21.00 4.85 -11.86
C GLU A 363 -19.56 4.32 -11.88
N PRO A 364 -19.21 3.48 -12.88
CA PRO A 364 -17.88 2.88 -13.04
C PRO A 364 -16.69 3.76 -12.66
N ARG A 365 -16.65 4.98 -13.20
CA ARG A 365 -15.57 5.92 -12.96
C ARG A 365 -15.33 6.16 -11.47
N SER A 366 -16.39 6.06 -10.67
CA SER A 366 -16.28 6.24 -9.23
C SER A 366 -15.96 4.88 -8.56
N ALA A 367 -16.52 3.80 -9.08
CA ALA A 367 -16.25 2.48 -8.51
C ALA A 367 -14.76 2.14 -8.55
N ILE A 368 -14.09 2.57 -9.63
CA ILE A 368 -12.68 2.33 -9.85
C ILE A 368 -11.84 2.83 -8.67
N LYS A 369 -12.25 3.94 -8.07
CA LYS A 369 -11.53 4.51 -6.92
C LYS A 369 -11.80 3.80 -5.60
N MET A 370 -12.78 2.90 -5.58
CA MET A 370 -13.16 2.18 -4.36
C MET A 370 -12.31 0.95 -4.02
N VAL A 371 -11.53 0.48 -5.00
CA VAL A 371 -10.67 -0.69 -4.81
C VAL A 371 -9.20 -0.21 -4.83
N GLU A 372 -8.49 -0.44 -3.73
CA GLU A 372 -7.10 -0.02 -3.64
C GLU A 372 -6.17 -1.10 -4.20
N PRO A 373 -4.96 -0.70 -4.58
CA PRO A 373 -3.99 -1.68 -5.12
C PRO A 373 -3.83 -2.85 -4.15
N GLY A 374 -3.80 -2.53 -2.85
CA GLY A 374 -3.66 -3.54 -1.82
C GLY A 374 -4.85 -4.49 -1.84
N HIS A 375 -6.03 -3.94 -2.08
CA HIS A 375 -7.25 -4.75 -2.16
C HIS A 375 -7.12 -5.72 -3.32
N LEU A 376 -6.83 -5.17 -4.50
CA LEU A 376 -6.73 -5.99 -5.69
C LEU A 376 -5.64 -7.06 -5.59
N ASP A 377 -4.48 -6.71 -5.02
CA ASP A 377 -3.39 -7.67 -4.88
C ASP A 377 -3.88 -8.95 -4.22
N GLN A 378 -4.66 -8.80 -3.14
CA GLN A 378 -5.21 -9.94 -2.41
C GLN A 378 -5.91 -10.97 -3.28
N LEU A 379 -6.55 -10.51 -4.34
CA LEU A 379 -7.30 -11.41 -5.22
C LEU A 379 -6.46 -12.06 -6.32
N LEU A 380 -5.18 -11.70 -6.42
CA LEU A 380 -4.34 -12.27 -7.48
C LEU A 380 -3.59 -13.53 -7.09
N HIS A 381 -3.62 -13.86 -5.81
CA HIS A 381 -2.91 -15.02 -5.31
C HIS A 381 -3.87 -15.87 -4.52
N PRO A 382 -3.61 -17.18 -4.46
CA PRO A 382 -4.51 -18.07 -3.69
C PRO A 382 -4.52 -17.70 -2.20
N GLN A 383 -5.63 -17.98 -1.52
CA GLN A 383 -5.75 -17.67 -0.10
C GLN A 383 -6.37 -18.84 0.66
N PHE A 384 -6.15 -18.88 1.97
CA PHE A 384 -6.71 -19.93 2.81
C PHE A 384 -8.20 -19.64 3.02
N GLU A 385 -8.99 -20.67 3.33
CA GLU A 385 -10.42 -20.50 3.53
C GLU A 385 -10.79 -19.84 4.85
N ASN A 386 -9.93 -19.96 5.85
CA ASN A 386 -10.19 -19.37 7.15
C ASN A 386 -8.93 -19.26 7.99
N PRO A 387 -8.20 -18.15 7.86
CA PRO A 387 -6.97 -17.94 8.63
C PRO A 387 -7.22 -18.07 10.12
N SER A 388 -8.48 -17.96 10.52
CA SER A 388 -8.85 -18.08 11.92
C SER A 388 -9.01 -19.56 12.31
N ALA A 389 -9.67 -20.33 11.45
CA ALA A 389 -9.90 -21.74 11.69
C ALA A 389 -8.59 -22.49 11.97
N TYR A 390 -7.46 -21.89 11.57
CA TYR A 390 -6.17 -22.52 11.79
C TYR A 390 -5.30 -21.83 12.85
N LYS A 391 -5.95 -21.05 13.71
CA LYS A 391 -5.25 -20.35 14.78
C LYS A 391 -4.71 -21.39 15.78
N ASP A 392 -5.51 -22.42 16.03
CA ASP A 392 -5.13 -23.51 16.94
C ASP A 392 -4.04 -24.39 16.32
N GLN A 393 -3.53 -23.99 15.15
CA GLN A 393 -2.48 -24.77 14.47
C GLN A 393 -1.25 -23.96 14.11
N VAL A 394 -1.32 -22.63 14.24
CA VAL A 394 -0.16 -21.81 13.90
C VAL A 394 0.99 -22.17 14.80
N ILE A 395 2.21 -22.19 14.26
CA ILE A 395 3.38 -22.54 15.07
C ILE A 395 4.50 -21.51 15.01
N ALA A 396 4.23 -20.37 14.38
CA ALA A 396 5.22 -19.29 14.31
C ALA A 396 4.71 -18.17 13.41
N THR A 397 5.45 -17.06 13.40
CA THR A 397 5.11 -15.92 12.57
C THR A 397 6.37 -15.21 12.11
N GLY A 398 6.42 -14.86 10.84
CA GLY A 398 7.56 -14.18 10.27
C GLY A 398 7.14 -12.95 9.48
N LEU A 399 7.86 -12.66 8.41
CA LEU A 399 7.57 -11.51 7.56
C LEU A 399 6.94 -11.87 6.20
N PRO A 400 5.88 -11.14 5.79
CA PRO A 400 5.14 -11.32 4.54
C PRO A 400 5.93 -11.07 3.26
N ALA A 401 7.14 -11.62 3.21
CA ALA A 401 8.02 -11.48 2.06
C ALA A 401 7.31 -11.43 0.70
N SER A 402 6.24 -12.21 0.53
CA SER A 402 5.51 -12.25 -0.73
C SER A 402 4.15 -12.89 -0.46
N PRO A 403 3.06 -12.09 -0.52
CA PRO A 403 1.67 -12.52 -0.29
C PRO A 403 1.20 -13.77 -1.02
N GLY A 404 0.24 -14.46 -0.41
CA GLY A 404 -0.29 -15.67 -1.01
C GLY A 404 -0.26 -16.85 -0.05
N ALA A 405 -1.19 -17.77 -0.21
CA ALA A 405 -1.27 -18.94 0.62
C ALA A 405 -0.60 -20.11 -0.10
N ALA A 406 0.07 -20.97 0.65
CA ALA A 406 0.73 -22.13 0.06
C ALA A 406 0.72 -23.35 0.97
N VAL A 407 0.52 -24.51 0.35
CA VAL A 407 0.47 -25.78 1.07
C VAL A 407 1.31 -26.82 0.33
N GLY A 408 2.35 -27.33 1.00
CA GLY A 408 3.19 -28.34 0.37
C GLY A 408 4.06 -29.15 1.34
N GLN A 409 4.76 -30.14 0.81
CA GLN A 409 5.64 -30.93 1.65
C GLN A 409 6.99 -30.26 1.84
N VAL A 410 7.48 -30.27 3.08
CA VAL A 410 8.74 -29.66 3.41
C VAL A 410 9.94 -30.30 2.72
N VAL A 411 10.82 -29.46 2.20
CA VAL A 411 12.04 -29.89 1.52
C VAL A 411 13.12 -28.87 1.87
N PHE A 412 14.38 -29.26 1.74
CA PHE A 412 15.47 -28.36 2.13
C PHE A 412 16.48 -28.02 1.05
N THR A 413 16.22 -28.40 -0.17
CA THR A 413 17.15 -28.07 -1.24
C THR A 413 16.37 -27.72 -2.49
N ALA A 414 16.96 -26.84 -3.30
CA ALA A 414 16.33 -26.41 -4.53
C ALA A 414 16.08 -27.62 -5.40
N GLU A 415 17.10 -28.48 -5.47
CA GLU A 415 17.05 -29.69 -6.28
C GLU A 415 15.86 -30.56 -5.90
N ASP A 416 15.58 -30.64 -4.60
CA ASP A 416 14.45 -31.43 -4.15
C ASP A 416 13.13 -30.75 -4.53
N ALA A 417 13.09 -29.43 -4.41
CA ALA A 417 11.89 -28.68 -4.79
C ALA A 417 11.61 -28.92 -6.27
N GLU A 418 12.65 -28.77 -7.08
CA GLU A 418 12.51 -28.99 -8.51
C GLU A 418 12.03 -30.41 -8.74
N ALA A 419 12.55 -31.35 -7.96
CA ALA A 419 12.15 -32.74 -8.11
C ALA A 419 10.65 -32.89 -7.84
N TRP A 420 10.17 -32.30 -6.76
CA TRP A 420 8.75 -32.35 -6.42
C TRP A 420 7.92 -31.77 -7.56
N HIS A 421 8.33 -30.61 -8.04
CA HIS A 421 7.65 -29.95 -9.15
C HIS A 421 7.59 -30.86 -10.38
N SER A 422 8.70 -31.53 -10.73
CA SER A 422 8.70 -32.41 -11.90
C SER A 422 7.72 -33.58 -11.78
N GLN A 423 7.32 -33.93 -10.57
CA GLN A 423 6.39 -35.04 -10.39
C GLN A 423 4.99 -34.49 -10.19
N GLY A 424 4.86 -33.18 -10.41
CA GLY A 424 3.57 -32.52 -10.24
C GLY A 424 3.10 -32.42 -8.80
N LYS A 425 4.04 -32.39 -7.87
CA LYS A 425 3.71 -32.30 -6.46
C LYS A 425 4.12 -30.97 -5.83
N ALA A 426 3.41 -30.60 -4.76
CA ALA A 426 3.65 -29.37 -4.02
C ALA A 426 4.72 -29.45 -2.92
N ALA A 427 5.69 -28.56 -2.96
CA ALA A 427 6.72 -28.56 -1.95
C ALA A 427 6.97 -27.15 -1.42
N ILE A 428 7.35 -27.07 -0.14
CA ILE A 428 7.67 -25.83 0.53
C ILE A 428 9.18 -25.87 0.73
N LEU A 429 9.90 -25.00 0.02
CA LEU A 429 11.35 -24.97 0.15
C LEU A 429 11.68 -24.27 1.45
N VAL A 430 12.49 -24.91 2.28
CA VAL A 430 12.88 -24.36 3.57
C VAL A 430 14.39 -24.31 3.75
N ARG A 431 14.92 -23.09 3.82
CA ARG A 431 16.34 -22.86 4.00
C ARG A 431 16.57 -21.69 4.96
N ALA A 432 17.49 -21.86 5.89
CA ALA A 432 17.81 -20.82 6.87
C ALA A 432 17.95 -19.48 6.14
N GLU A 433 18.48 -19.55 4.92
CA GLU A 433 18.68 -18.39 4.07
C GLU A 433 18.81 -18.93 2.67
N THR A 434 18.64 -18.07 1.67
CA THR A 434 18.73 -18.49 0.29
C THR A 434 19.86 -17.82 -0.48
N SER A 435 20.16 -18.35 -1.66
CA SER A 435 21.22 -17.81 -2.51
C SER A 435 20.76 -17.79 -3.97
N PRO A 436 21.49 -17.07 -4.83
CA PRO A 436 21.13 -16.99 -6.26
C PRO A 436 21.19 -18.32 -6.99
N GLU A 437 21.67 -19.36 -6.32
CA GLU A 437 21.75 -20.69 -6.94
C GLU A 437 20.46 -21.49 -6.68
N ASP A 438 19.74 -21.14 -5.62
CA ASP A 438 18.50 -21.81 -5.27
C ASP A 438 17.31 -21.24 -6.04
N VAL A 439 17.56 -20.20 -6.83
CA VAL A 439 16.49 -19.56 -7.59
C VAL A 439 15.69 -20.56 -8.42
N GLY A 440 16.37 -21.59 -8.93
CA GLY A 440 15.67 -22.59 -9.72
C GLY A 440 14.67 -23.39 -8.89
N GLY A 441 15.05 -23.70 -7.65
CA GLY A 441 14.16 -24.46 -6.79
C GLY A 441 13.09 -23.60 -6.17
N MET A 442 13.42 -22.34 -5.94
CA MET A 442 12.45 -21.42 -5.35
C MET A 442 11.27 -21.23 -6.29
N HIS A 443 11.50 -21.36 -7.59
CA HIS A 443 10.43 -21.21 -8.57
C HIS A 443 9.58 -22.47 -8.67
N ALA A 444 10.19 -23.61 -8.35
CA ALA A 444 9.50 -24.90 -8.40
C ALA A 444 8.65 -25.08 -7.15
N ALA A 445 9.08 -24.49 -6.04
CA ALA A 445 8.33 -24.61 -4.79
C ALA A 445 7.03 -23.82 -4.87
N VAL A 446 6.00 -24.27 -4.15
CA VAL A 446 4.74 -23.55 -4.15
C VAL A 446 4.81 -22.52 -3.05
N GLY A 447 5.85 -22.64 -2.23
CA GLY A 447 6.07 -21.73 -1.11
C GLY A 447 7.50 -21.76 -0.59
N ILE A 448 7.99 -20.62 -0.13
CA ILE A 448 9.35 -20.48 0.38
C ILE A 448 9.34 -19.98 1.83
N LEU A 449 10.23 -20.52 2.65
CA LEU A 449 10.32 -20.13 4.05
C LEU A 449 11.78 -20.09 4.48
N THR A 450 12.22 -18.94 4.98
CA THR A 450 13.60 -18.79 5.42
C THR A 450 13.68 -18.22 6.85
N GLU A 451 14.78 -18.54 7.54
CA GLU A 451 15.00 -18.08 8.91
C GLU A 451 15.44 -16.61 8.96
N MET A 455 10.68 -7.97 5.12
CA MET A 455 10.18 -7.72 3.77
C MET A 455 11.29 -7.36 2.80
N THR A 456 12.49 -7.14 3.31
CA THR A 456 13.60 -6.75 2.45
C THR A 456 14.56 -7.85 2.02
N SER A 457 14.40 -9.06 2.56
CA SER A 457 15.29 -10.17 2.19
C SER A 457 15.24 -10.43 0.68
N HIS A 458 16.38 -10.82 0.11
CA HIS A 458 16.50 -11.09 -1.33
C HIS A 458 15.59 -12.22 -1.85
N ALA A 459 15.13 -13.08 -0.94
CA ALA A 459 14.24 -14.17 -1.32
C ALA A 459 12.84 -13.61 -1.56
N ALA A 460 12.41 -12.76 -0.62
CA ALA A 460 11.11 -12.10 -0.68
C ALA A 460 10.89 -11.40 -2.01
N VAL A 461 11.85 -10.57 -2.37
CA VAL A 461 11.77 -9.82 -3.61
C VAL A 461 11.53 -10.74 -4.79
N VAL A 462 12.31 -11.80 -4.88
CA VAL A 462 12.20 -12.76 -5.97
C VAL A 462 10.79 -13.37 -6.07
N ALA A 463 10.26 -13.80 -4.93
CA ALA A 463 8.94 -14.41 -4.88
C ALA A 463 7.87 -13.50 -5.46
N ARG A 464 7.85 -12.25 -5.00
CA ARG A 464 6.88 -11.26 -5.46
C ARG A 464 6.64 -11.25 -6.96
N GLY A 465 7.72 -11.20 -7.74
CA GLY A 465 7.57 -11.17 -9.18
C GLY A 465 6.86 -12.41 -9.70
N TRP A 466 7.26 -13.56 -9.17
CA TRP A 466 6.67 -14.82 -9.57
C TRP A 466 5.26 -14.96 -9.03
N GLY A 467 4.95 -14.16 -8.01
CA GLY A 467 3.65 -14.23 -7.38
C GLY A 467 3.65 -15.43 -6.43
N LYS A 468 4.82 -15.74 -5.89
CA LYS A 468 4.98 -16.89 -5.00
C LYS A 468 5.01 -16.57 -3.52
N CYS A 469 4.31 -17.37 -2.74
CA CYS A 469 4.26 -17.21 -1.29
C CYS A 469 5.64 -17.30 -0.66
N CYS A 470 5.92 -16.44 0.31
CA CYS A 470 7.22 -16.46 0.97
C CYS A 470 7.23 -15.76 2.33
N VAL A 471 7.64 -16.49 3.34
CA VAL A 471 7.73 -15.97 4.70
C VAL A 471 9.21 -15.91 5.04
N SER A 472 9.78 -14.72 4.95
CA SER A 472 11.19 -14.53 5.25
C SER A 472 11.35 -14.06 6.69
N GLY A 473 12.59 -13.73 7.05
CA GLY A 473 12.89 -13.25 8.39
C GLY A 473 12.21 -13.97 9.54
N CYS A 474 12.00 -15.27 9.41
CA CYS A 474 11.39 -16.03 10.50
C CYS A 474 12.55 -16.57 11.33
N SER A 475 13.30 -15.64 11.92
CA SER A 475 14.46 -15.95 12.73
C SER A 475 14.23 -16.99 13.83
N GLY A 476 12.99 -17.11 14.28
CA GLY A 476 12.69 -18.08 15.32
C GLY A 476 12.69 -19.50 14.78
N ILE A 477 13.55 -19.75 13.78
CA ILE A 477 13.65 -21.07 13.15
C ILE A 477 15.11 -21.53 12.95
N ARG A 478 15.35 -22.83 13.15
CA ARG A 478 16.67 -23.43 12.97
C ARG A 478 16.56 -24.60 11.98
N VAL A 479 17.25 -24.46 10.86
CA VAL A 479 17.25 -25.45 9.80
C VAL A 479 18.43 -26.40 9.89
N ASN A 480 18.10 -27.65 10.22
CA ASN A 480 19.07 -28.73 10.34
C ASN A 480 19.26 -29.33 8.95
N ASP A 481 20.44 -29.10 8.38
CA ASP A 481 20.77 -29.58 7.05
C ASP A 481 21.27 -31.03 7.10
N ALA A 482 22.35 -31.24 7.85
CA ALA A 482 22.92 -32.59 8.00
C ALA A 482 21.77 -33.57 8.01
N GLU A 483 20.87 -33.31 8.96
CA GLU A 483 19.65 -34.07 9.12
C GLU A 483 18.60 -33.33 8.30
N LYS A 484 17.56 -34.05 7.89
CA LYS A 484 16.51 -33.44 7.07
C LYS A 484 15.30 -33.07 7.91
N LEU A 485 15.48 -32.04 8.74
CA LEU A 485 14.44 -31.53 9.61
C LEU A 485 14.72 -30.06 9.90
N VAL A 486 13.71 -29.40 10.48
CA VAL A 486 13.79 -27.99 10.82
C VAL A 486 13.10 -27.72 12.14
N THR A 487 13.74 -26.87 12.94
CA THR A 487 13.23 -26.47 14.24
C THR A 487 12.44 -25.17 14.10
N ILE A 488 11.13 -25.28 14.30
CA ILE A 488 10.23 -24.14 14.20
C ILE A 488 9.23 -24.16 15.34
N GLY A 489 9.23 -23.09 16.13
CA GLY A 489 8.32 -23.01 17.26
C GLY A 489 8.65 -24.09 18.26
N GLY A 490 7.69 -24.96 18.53
CA GLY A 490 7.92 -26.05 19.47
C GLY A 490 7.95 -27.36 18.73
N HIS A 491 7.44 -27.34 17.51
CA HIS A 491 7.38 -28.53 16.66
C HIS A 491 8.62 -28.70 15.78
N VAL A 492 8.90 -29.94 15.42
CA VAL A 492 10.02 -30.26 14.54
C VAL A 492 9.45 -30.84 13.25
N LEU A 493 9.88 -30.31 12.12
CA LEU A 493 9.39 -30.81 10.84
C LEU A 493 10.50 -31.44 10.01
N ARG A 494 10.22 -32.63 9.50
CA ARG A 494 11.16 -33.37 8.67
C ARG A 494 10.69 -33.45 7.23
N GLU A 495 11.66 -33.63 6.33
CA GLU A 495 11.42 -33.76 4.89
C GLU A 495 10.16 -34.58 4.64
N GLY A 496 9.27 -34.06 3.80
CA GLY A 496 8.05 -34.77 3.48
C GLY A 496 6.80 -34.41 4.25
N GLU A 497 6.98 -33.76 5.40
CA GLU A 497 5.84 -33.37 6.21
C GLU A 497 5.15 -32.12 5.66
N TRP A 498 3.83 -32.10 5.76
CA TRP A 498 3.06 -30.97 5.27
C TRP A 498 3.21 -29.74 6.16
N LEU A 499 3.20 -28.58 5.52
CA LEU A 499 3.32 -27.29 6.18
C LEU A 499 2.64 -26.21 5.34
N SER A 500 1.91 -25.31 5.99
CA SER A 500 1.21 -24.23 5.28
C SER A 500 1.87 -22.88 5.53
N LEU A 501 1.96 -22.05 4.50
CA LEU A 501 2.56 -20.73 4.60
C LEU A 501 1.65 -19.63 4.10
N ASN A 502 1.60 -18.53 4.86
CA ASN A 502 0.78 -17.38 4.50
C ASN A 502 1.75 -16.23 4.24
N GLY A 503 1.99 -15.94 2.97
CA GLY A 503 2.91 -14.87 2.64
C GLY A 503 2.34 -13.50 2.87
N SER A 504 1.06 -13.43 3.22
CA SER A 504 0.41 -12.14 3.47
C SER A 504 0.49 -11.77 4.94
N THR A 505 0.27 -12.76 5.80
CA THR A 505 0.31 -12.57 7.25
C THR A 505 1.70 -12.86 7.81
N GLY A 506 2.40 -13.82 7.20
CA GLY A 506 3.72 -14.19 7.66
C GLY A 506 3.67 -15.42 8.55
N GLU A 507 2.47 -15.95 8.75
CA GLU A 507 2.25 -17.14 9.57
C GLU A 507 2.79 -18.45 8.97
N VAL A 508 3.06 -19.42 9.83
CA VAL A 508 3.53 -20.73 9.40
C VAL A 508 2.68 -21.79 10.07
N ILE A 509 1.48 -21.99 9.54
CA ILE A 509 0.55 -22.98 10.08
C ILE A 509 1.13 -24.40 9.97
N LEU A 510 0.51 -25.33 10.69
CA LEU A 510 0.97 -26.71 10.69
C LEU A 510 -0.09 -27.59 10.01
N GLY A 511 0.37 -28.50 9.15
CA GLY A 511 -0.56 -29.37 8.46
C GLY A 511 -0.97 -28.88 7.08
N LYS A 512 -2.07 -29.44 6.56
CA LYS A 512 -2.61 -29.09 5.24
C LYS A 512 -3.91 -28.30 5.33
N GLN A 513 -3.83 -26.99 5.53
CA GLN A 513 -5.02 -26.17 5.62
C GLN A 513 -5.64 -25.99 4.24
N PRO A 514 -6.98 -25.85 4.19
CA PRO A 514 -7.73 -25.68 2.94
C PRO A 514 -7.53 -24.33 2.23
N LEU A 515 -7.58 -24.36 0.91
CA LEU A 515 -7.40 -23.16 0.10
C LEU A 515 -8.74 -22.79 -0.53
N SER A 516 -9.11 -21.52 -0.44
CA SER A 516 -10.37 -21.08 -1.00
C SER A 516 -10.39 -21.44 -2.48
N PRO A 517 -11.51 -22.00 -2.95
CA PRO A 517 -11.64 -22.39 -4.36
C PRO A 517 -11.77 -21.17 -5.26
N PRO A 518 -11.50 -21.33 -6.56
CA PRO A 518 -11.60 -20.22 -7.51
C PRO A 518 -12.92 -19.46 -7.37
N ALA A 519 -12.85 -18.15 -7.61
CA ALA A 519 -14.02 -17.28 -7.52
C ALA A 519 -14.92 -17.40 -8.75
N LEU A 520 -16.22 -17.52 -8.53
CA LEU A 520 -17.18 -17.66 -9.62
C LEU A 520 -18.07 -16.43 -9.79
N SER A 521 -18.01 -15.49 -8.85
CA SER A 521 -18.84 -14.30 -8.95
C SER A 521 -18.73 -13.57 -10.30
N GLY A 522 -17.50 -13.42 -10.79
CA GLY A 522 -17.31 -12.71 -12.05
C GLY A 522 -17.21 -11.21 -11.81
N ASP A 523 -17.29 -10.81 -10.54
CA ASP A 523 -17.21 -9.41 -10.17
C ASP A 523 -15.83 -8.80 -10.44
N LEU A 524 -14.78 -9.61 -10.29
CA LEU A 524 -13.44 -9.10 -10.54
C LEU A 524 -13.30 -8.83 -12.03
N GLY A 525 -13.85 -9.73 -12.83
CA GLY A 525 -13.80 -9.57 -14.27
C GLY A 525 -14.58 -8.33 -14.65
N THR A 526 -15.73 -8.15 -14.02
CA THR A 526 -16.56 -7.01 -14.30
C THR A 526 -15.87 -5.73 -13.92
N PHE A 527 -15.31 -5.68 -12.71
CA PHE A 527 -14.61 -4.49 -12.23
C PHE A 527 -13.41 -4.14 -13.12
N MET A 528 -12.62 -5.14 -13.46
CA MET A 528 -11.45 -4.93 -14.30
C MET A 528 -11.75 -4.44 -15.72
N ALA A 529 -12.93 -4.76 -16.23
CA ALA A 529 -13.29 -4.31 -17.57
C ALA A 529 -13.48 -2.78 -17.53
N TRP A 530 -13.99 -2.26 -16.41
CA TRP A 530 -14.14 -0.81 -16.27
C TRP A 530 -12.74 -0.17 -16.23
N VAL A 531 -11.87 -0.80 -15.43
CA VAL A 531 -10.50 -0.36 -15.29
C VAL A 531 -9.83 -0.28 -16.67
N ASP A 532 -9.97 -1.33 -17.45
CA ASP A 532 -9.37 -1.38 -18.77
C ASP A 532 -10.01 -0.42 -19.77
N ASP A 533 -11.27 -0.07 -19.56
CA ASP A 533 -11.93 0.86 -20.45
C ASP A 533 -11.42 2.27 -20.18
N VAL A 534 -11.27 2.61 -18.92
CA VAL A 534 -10.82 3.94 -18.54
C VAL A 534 -9.35 4.28 -18.80
N ARG A 535 -8.45 3.33 -18.60
CA ARG A 535 -7.03 3.62 -18.77
C ARG A 535 -6.64 3.91 -20.21
N LYS A 536 -5.64 4.76 -20.38
CA LYS A 536 -5.16 5.09 -21.72
C LYS A 536 -3.82 4.39 -21.95
N LEU A 537 -3.05 4.24 -20.87
CA LEU A 537 -1.75 3.56 -20.94
C LEU A 537 -1.93 2.08 -21.22
N LYS A 538 -1.13 1.52 -22.10
CA LYS A 538 -1.21 0.09 -22.28
C LYS A 538 -0.31 -0.52 -21.19
N VAL A 539 -0.60 -1.74 -20.78
CA VAL A 539 0.24 -2.38 -19.79
C VAL A 539 0.82 -3.67 -20.35
N LEU A 540 2.15 -3.67 -20.47
CA LEU A 540 2.92 -4.79 -20.97
C LEU A 540 3.58 -5.50 -19.81
N ALA A 541 4.21 -6.64 -20.12
CA ALA A 541 4.86 -7.45 -19.11
C ALA A 541 6.33 -7.63 -19.39
N ASN A 542 7.07 -7.81 -18.31
CA ASN A 542 8.49 -8.08 -18.32
C ASN A 542 8.60 -9.59 -18.09
N ALA A 543 8.92 -10.32 -19.15
CA ALA A 543 9.04 -11.77 -19.10
C ALA A 543 10.14 -12.24 -20.02
N ASP A 544 10.89 -13.24 -19.55
CA ASP A 544 12.03 -13.79 -20.30
C ASP A 544 11.85 -15.26 -20.69
N THR A 545 10.74 -15.87 -20.30
CA THR A 545 10.48 -17.27 -20.61
C THR A 545 9.08 -17.49 -21.15
N PRO A 546 8.89 -18.55 -21.95
CA PRO A 546 7.58 -18.84 -22.51
C PRO A 546 6.51 -18.97 -21.43
N ASP A 547 6.87 -19.56 -20.28
CA ASP A 547 5.91 -19.72 -19.18
C ASP A 547 5.53 -18.39 -18.51
N ASP A 548 6.48 -17.47 -18.39
CA ASP A 548 6.19 -16.19 -17.78
C ASP A 548 5.34 -15.34 -18.75
N ALA A 549 5.58 -15.52 -20.04
CA ALA A 549 4.83 -14.80 -21.06
C ALA A 549 3.36 -15.19 -20.92
N LEU A 550 3.11 -16.48 -20.71
CA LEU A 550 1.76 -17.01 -20.54
C LEU A 550 1.10 -16.48 -19.27
N THR A 551 1.84 -16.50 -18.17
CA THR A 551 1.34 -15.98 -16.90
C THR A 551 1.02 -14.48 -17.03
N ALA A 552 1.82 -13.77 -17.83
CA ALA A 552 1.58 -12.35 -18.03
C ALA A 552 0.28 -12.14 -18.85
N ARG A 553 0.10 -12.93 -19.90
CA ARG A 553 -1.08 -12.81 -20.73
C ARG A 553 -2.33 -13.10 -19.90
N ASN A 554 -2.27 -14.15 -19.07
CA ASN A 554 -3.40 -14.51 -18.19
C ASN A 554 -3.70 -13.41 -17.18
N ASN A 555 -2.74 -12.53 -16.94
CA ASN A 555 -2.96 -11.42 -16.02
C ASN A 555 -3.32 -10.13 -16.77
N GLY A 556 -3.62 -10.25 -18.06
CA GLY A 556 -4.05 -9.10 -18.84
C GLY A 556 -2.98 -8.27 -19.53
N ALA A 557 -1.77 -8.81 -19.62
CA ALA A 557 -0.68 -8.09 -20.27
C ALA A 557 -1.01 -7.98 -21.75
N GLN A 558 -0.72 -6.82 -22.35
CA GLN A 558 -0.99 -6.60 -23.78
C GLN A 558 0.25 -6.83 -24.65
N GLY A 559 1.16 -7.63 -24.15
CA GLY A 559 2.38 -7.91 -24.88
C GLY A 559 3.55 -7.97 -23.92
N ILE A 560 4.77 -8.03 -24.45
CA ILE A 560 5.95 -8.07 -23.60
C ILE A 560 6.83 -6.84 -23.83
N GLY A 561 6.92 -5.98 -22.84
CA GLY A 561 7.73 -4.77 -22.98
C GLY A 561 9.20 -5.04 -22.78
N LEU A 562 9.54 -6.13 -22.10
CA LEU A 562 10.95 -6.45 -21.89
C LEU A 562 11.26 -7.91 -21.66
N CYS A 563 11.94 -8.50 -22.62
CA CYS A 563 12.43 -9.86 -22.54
C CYS A 563 13.96 -9.71 -22.45
N ARG A 564 14.51 -9.97 -21.28
CA ARG A 564 15.95 -9.87 -21.00
C ARG A 564 16.71 -11.12 -21.50
N THR A 565 17.41 -11.01 -22.63
CA THR A 565 18.12 -12.17 -23.16
C THR A 565 19.19 -12.77 -22.25
N GLU A 566 19.79 -11.99 -21.35
CA GLU A 566 20.79 -12.58 -20.46
C GLU A 566 20.15 -13.59 -19.52
N HIS A 567 18.93 -13.30 -19.08
CA HIS A 567 18.25 -14.20 -18.17
C HIS A 567 17.85 -15.52 -18.85
N MET A 568 17.95 -15.59 -20.18
CA MET A 568 17.58 -16.80 -20.90
C MET A 568 18.71 -17.81 -20.91
N PHE A 569 19.81 -17.49 -20.26
CA PHE A 569 20.95 -18.38 -20.24
C PHE A 569 21.21 -18.96 -18.87
N PHE A 570 20.85 -18.20 -17.83
CA PHE A 570 21.03 -18.69 -16.47
C PHE A 570 19.94 -19.71 -16.19
N ALA A 571 19.35 -20.23 -17.27
CA ALA A 571 18.27 -21.21 -17.18
C ALA A 571 18.68 -22.65 -16.85
N SER A 572 19.84 -23.09 -17.34
CA SER A 572 20.32 -24.45 -17.09
C SER A 572 21.85 -24.52 -17.12
N ASP A 573 22.41 -25.45 -16.36
CA ASP A 573 23.85 -25.61 -16.29
C ASP A 573 24.43 -25.68 -17.69
N GLU A 574 23.73 -26.39 -18.57
CA GLU A 574 24.16 -26.55 -19.94
C GLU A 574 24.24 -25.21 -20.68
N ARG A 575 23.20 -24.40 -20.55
CA ARG A 575 23.18 -23.11 -21.22
C ARG A 575 24.29 -22.20 -20.67
N ILE A 576 24.49 -22.24 -19.36
CA ILE A 576 25.51 -21.41 -18.73
C ILE A 576 26.91 -21.81 -19.19
N LYS A 577 27.17 -23.12 -19.29
CA LYS A 577 28.46 -23.60 -19.76
C LYS A 577 28.67 -23.18 -21.21
N ALA A 578 27.59 -23.15 -21.96
CA ALA A 578 27.66 -22.76 -23.36
C ALA A 578 28.13 -21.32 -23.46
N VAL A 579 27.65 -20.46 -22.58
CA VAL A 579 28.07 -19.08 -22.61
C VAL A 579 29.56 -18.99 -22.24
N ARG A 580 29.96 -19.75 -21.21
CA ARG A 580 31.37 -19.75 -20.79
C ARG A 580 32.27 -20.25 -21.91
N GLN A 581 31.81 -21.25 -22.65
CA GLN A 581 32.59 -21.77 -23.75
C GLN A 581 32.84 -20.64 -24.75
N MET A 582 31.81 -19.84 -24.96
CA MET A 582 31.87 -18.72 -25.89
C MET A 582 32.95 -17.74 -25.42
N ILE A 583 32.88 -17.35 -24.16
CA ILE A 583 33.83 -16.43 -23.58
C ILE A 583 35.28 -16.96 -23.53
N MET A 584 35.45 -18.28 -23.56
CA MET A 584 36.79 -18.87 -23.48
C MET A 584 37.31 -19.41 -24.80
N ALA A 585 36.57 -19.20 -25.88
CA ALA A 585 36.96 -19.68 -27.19
C ALA A 585 38.37 -19.24 -27.59
N PRO A 586 39.17 -20.18 -28.11
CA PRO A 586 40.55 -19.94 -28.56
C PRO A 586 40.60 -19.55 -30.05
N THR A 587 39.81 -20.23 -30.88
CA THR A 587 39.78 -19.92 -32.31
C THR A 587 38.39 -19.43 -32.71
N LEU A 588 38.35 -18.44 -33.60
CA LEU A 588 37.07 -17.90 -34.03
C LEU A 588 36.26 -19.01 -34.67
N GLU A 589 36.95 -20.02 -35.18
CA GLU A 589 36.28 -21.16 -35.80
C GLU A 589 35.45 -21.87 -34.73
N LEU A 590 35.87 -21.72 -33.47
CA LEU A 590 35.16 -22.33 -32.36
C LEU A 590 34.28 -21.31 -31.66
N ARG A 591 34.74 -20.06 -31.58
CA ARG A 591 33.95 -19.03 -30.93
C ARG A 591 32.64 -18.82 -31.68
N GLN A 592 32.63 -19.20 -32.95
CA GLN A 592 31.42 -19.06 -33.75
C GLN A 592 30.59 -20.30 -33.47
N GLN A 593 31.27 -21.42 -33.30
CA GLN A 593 30.60 -22.67 -33.02
C GLN A 593 29.91 -22.55 -31.67
N ALA A 594 30.46 -21.71 -30.80
CA ALA A 594 29.86 -21.51 -29.48
C ALA A 594 28.64 -20.58 -29.62
N LEU A 595 28.75 -19.60 -30.51
CA LEU A 595 27.66 -18.67 -30.75
C LEU A 595 26.53 -19.42 -31.43
N ASP A 596 26.90 -20.31 -32.35
CA ASP A 596 25.93 -21.12 -33.08
C ASP A 596 25.14 -21.96 -32.08
N ARG A 597 25.81 -22.37 -31.02
CA ARG A 597 25.19 -23.16 -29.97
C ARG A 597 24.20 -22.29 -29.19
N LEU A 598 24.54 -21.03 -28.97
CA LEU A 598 23.66 -20.14 -28.24
C LEU A 598 22.43 -19.73 -29.08
N LEU A 599 22.58 -19.78 -30.40
CA LEU A 599 21.51 -19.41 -31.33
C LEU A 599 20.27 -20.33 -31.18
N PRO A 600 20.48 -21.65 -31.08
CA PRO A 600 19.37 -22.60 -30.93
C PRO A 600 18.60 -22.35 -29.65
N TYR A 601 19.31 -22.18 -28.54
CA TYR A 601 18.66 -21.92 -27.27
C TYR A 601 17.78 -20.69 -27.40
N GLN A 602 18.34 -19.63 -27.99
CA GLN A 602 17.63 -18.37 -28.17
C GLN A 602 16.42 -18.53 -29.10
N ARG A 603 16.66 -19.08 -30.29
CA ARG A 603 15.60 -19.28 -31.26
C ARG A 603 14.46 -20.11 -30.68
N SER A 604 14.80 -21.14 -29.94
CA SER A 604 13.79 -21.99 -29.35
C SER A 604 12.97 -21.24 -28.31
N ASP A 605 13.63 -20.43 -27.50
CA ASP A 605 12.93 -19.66 -26.48
C ASP A 605 12.05 -18.60 -27.11
N PHE A 606 12.53 -17.95 -28.16
CA PHE A 606 11.74 -16.91 -28.82
C PHE A 606 10.48 -17.47 -29.48
N GLU A 607 10.58 -18.66 -30.07
CA GLU A 607 9.42 -19.28 -30.72
C GLU A 607 8.36 -19.50 -29.64
N GLY A 608 8.79 -20.03 -28.51
CA GLY A 608 7.89 -20.28 -27.40
C GLY A 608 7.24 -19.02 -26.89
N ILE A 609 8.02 -17.95 -26.75
CA ILE A 609 7.48 -16.69 -26.26
C ILE A 609 6.52 -16.11 -27.28
N PHE A 610 6.88 -16.18 -28.55
CA PHE A 610 6.02 -15.64 -29.60
C PHE A 610 4.65 -16.33 -29.66
N ARG A 611 4.63 -17.65 -29.53
N ARG A 611 4.64 -17.64 -29.52
CA ARG A 611 3.39 -18.40 -29.57
CA ARG A 611 3.40 -18.41 -29.57
C ARG A 611 2.50 -18.00 -28.40
C ARG A 611 2.51 -18.00 -28.41
N ALA A 612 3.09 -17.87 -27.22
CA ALA A 612 2.32 -17.48 -26.05
C ALA A 612 1.77 -16.07 -26.24
N MET A 613 2.47 -15.23 -26.98
CA MET A 613 2.05 -13.84 -27.19
C MET A 613 1.41 -13.60 -28.54
N ASP A 614 0.96 -14.67 -29.17
CA ASP A 614 0.31 -14.61 -30.48
C ASP A 614 -0.62 -13.40 -30.58
N GLY A 615 -0.35 -12.52 -31.54
CA GLY A 615 -1.17 -11.35 -31.72
C GLY A 615 -0.74 -10.10 -30.95
N LEU A 616 0.27 -10.23 -30.09
CA LEU A 616 0.73 -9.09 -29.28
C LEU A 616 2.21 -8.74 -29.51
N PRO A 617 2.56 -7.44 -29.38
CA PRO A 617 3.96 -7.04 -29.58
C PRO A 617 4.90 -7.62 -28.53
N VAL A 618 6.06 -8.07 -28.98
CA VAL A 618 7.07 -8.66 -28.08
C VAL A 618 8.39 -7.93 -28.28
N THR A 619 8.85 -7.26 -27.23
CA THR A 619 10.10 -6.48 -27.25
C THR A 619 11.23 -7.24 -26.56
N ILE A 620 12.23 -7.61 -27.36
CA ILE A 620 13.38 -8.38 -26.89
C ILE A 620 14.61 -7.47 -26.86
N ARG A 621 15.29 -7.48 -25.71
CA ARG A 621 16.49 -6.67 -25.48
C ARG A 621 17.77 -7.47 -25.70
N LEU A 622 18.72 -6.85 -26.39
CA LEU A 622 20.02 -7.45 -26.67
C LEU A 622 20.80 -7.61 -25.35
N LEU A 623 21.73 -8.58 -25.34
CA LEU A 623 22.56 -8.88 -24.17
C LEU A 623 23.01 -7.60 -23.44
N ASP A 624 22.77 -7.55 -22.14
CA ASP A 624 23.09 -6.38 -21.33
C ASP A 624 24.16 -6.57 -20.20
N PRO A 625 24.15 -7.71 -19.46
CA PRO A 625 25.16 -7.90 -18.38
C PRO A 625 26.63 -8.03 -18.81
N PRO A 626 27.58 -7.60 -17.96
CA PRO A 626 29.02 -7.71 -18.31
C PRO A 626 29.31 -9.23 -18.32
N LEU A 627 30.20 -9.63 -19.26
CA LEU A 627 30.57 -11.03 -19.43
C LEU A 627 31.02 -11.72 -18.13
N HIS A 628 31.60 -10.93 -17.23
CA HIS A 628 32.07 -11.45 -15.94
C HIS A 628 30.95 -12.22 -15.21
N GLU A 629 29.72 -11.74 -15.35
CA GLU A 629 28.55 -12.37 -14.72
C GLU A 629 28.34 -13.86 -15.03
N PHE A 630 28.72 -14.31 -16.22
CA PHE A 630 28.54 -15.70 -16.60
C PHE A 630 29.65 -16.64 -16.12
N LEU A 631 30.52 -16.14 -15.24
CA LEU A 631 31.62 -16.94 -14.71
C LEU A 631 31.29 -17.53 -13.37
N PRO A 632 31.86 -18.71 -13.07
CA PRO A 632 31.63 -19.36 -11.77
C PRO A 632 32.06 -18.39 -10.66
N GLU A 633 31.63 -18.67 -9.44
CA GLU A 633 31.97 -17.83 -8.29
C GLU A 633 32.78 -18.66 -7.28
N GLY A 634 33.50 -17.97 -6.40
CA GLY A 634 34.28 -18.68 -5.40
C GLY A 634 35.75 -18.30 -5.42
N ASN A 635 36.58 -19.10 -4.76
CA ASN A 635 38.01 -18.85 -4.73
C ASN A 635 38.53 -18.84 -6.16
N ILE A 636 39.43 -17.92 -6.46
CA ILE A 636 39.98 -17.81 -7.81
C ILE A 636 40.51 -19.13 -8.36
N GLU A 637 41.29 -19.85 -7.55
CA GLU A 637 41.85 -21.13 -7.97
C GLU A 637 40.74 -22.08 -8.46
N ASP A 638 39.64 -22.13 -7.72
CA ASP A 638 38.52 -22.99 -8.07
C ASP A 638 37.79 -22.51 -9.32
N ILE A 639 37.70 -21.18 -9.49
CA ILE A 639 37.03 -20.63 -10.67
C ILE A 639 37.82 -21.07 -11.91
N VAL A 640 39.14 -21.00 -11.82
CA VAL A 640 40.02 -21.41 -12.92
C VAL A 640 39.85 -22.90 -13.27
N SER A 641 39.81 -23.74 -12.24
CA SER A 641 39.65 -25.19 -12.42
C SER A 641 38.36 -25.52 -13.15
N GLU A 642 37.27 -24.90 -12.72
CA GLU A 642 35.97 -25.14 -13.33
C GLU A 642 35.97 -24.72 -14.80
N LEU A 643 36.55 -23.55 -15.08
CA LEU A 643 36.57 -23.07 -16.46
C LEU A 643 37.37 -23.96 -17.39
N CYS A 644 38.48 -24.49 -16.89
CA CYS A 644 39.29 -25.36 -17.72
C CYS A 644 38.51 -26.63 -18.04
N ALA A 645 37.87 -27.19 -17.02
CA ALA A 645 37.10 -28.40 -17.17
C ALA A 645 35.86 -28.18 -18.06
N GLU A 646 35.28 -27.00 -17.98
CA GLU A 646 34.08 -26.73 -18.77
C GLU A 646 34.34 -26.27 -20.19
N THR A 647 35.47 -25.63 -20.43
CA THR A 647 35.76 -25.09 -21.75
C THR A 647 36.98 -25.67 -22.46
N GLY A 648 37.86 -26.32 -21.71
CA GLY A 648 39.05 -26.90 -22.31
C GLY A 648 40.24 -25.93 -22.35
N ALA A 649 40.09 -24.79 -21.70
CA ALA A 649 41.16 -23.81 -21.66
C ALA A 649 42.22 -24.27 -20.66
N ASN A 650 43.44 -23.74 -20.81
CA ASN A 650 44.50 -24.08 -19.87
C ASN A 650 44.42 -23.08 -18.72
N GLN A 651 45.18 -23.31 -17.66
CA GLN A 651 45.17 -22.43 -16.48
C GLN A 651 45.61 -20.99 -16.72
N GLU A 652 46.70 -20.82 -17.46
CA GLU A 652 47.22 -19.49 -17.74
C GLU A 652 46.17 -18.63 -18.44
N ASP A 653 45.65 -19.13 -19.55
CA ASP A 653 44.64 -18.40 -20.31
C ASP A 653 43.37 -18.11 -19.53
N ALA A 654 42.95 -19.07 -18.70
CA ALA A 654 41.73 -18.91 -17.92
C ALA A 654 41.90 -17.80 -16.91
N LEU A 655 43.05 -17.81 -16.24
CA LEU A 655 43.35 -16.81 -15.23
C LEU A 655 43.46 -15.43 -15.87
N ALA A 656 44.12 -15.36 -17.02
CA ALA A 656 44.27 -14.08 -17.71
C ALA A 656 42.92 -13.56 -18.10
N ARG A 657 42.07 -14.43 -18.62
CA ARG A 657 40.74 -14.06 -19.04
C ARG A 657 39.86 -13.58 -17.88
N ILE A 658 39.93 -14.28 -16.74
CA ILE A 658 39.15 -13.90 -15.57
C ILE A 658 39.54 -12.50 -15.08
N GLU A 659 40.84 -12.25 -14.98
CA GLU A 659 41.32 -10.95 -14.54
C GLU A 659 40.89 -9.87 -15.56
N LYS A 660 41.11 -10.16 -16.83
CA LYS A 660 40.75 -9.25 -17.90
C LYS A 660 39.27 -8.85 -17.87
N LEU A 661 38.39 -9.77 -17.46
CA LEU A 661 36.97 -9.48 -17.41
C LEU A 661 36.57 -8.83 -16.09
N SER A 662 37.49 -8.79 -15.13
CA SER A 662 37.20 -8.19 -13.81
C SER A 662 37.03 -6.68 -13.96
N GLU A 663 36.14 -6.09 -13.16
CA GLU A 663 35.86 -4.66 -13.22
C GLU A 663 35.68 -4.01 -11.85
N VAL A 664 36.02 -2.75 -11.75
CA VAL A 664 35.87 -2.01 -10.51
C VAL A 664 34.40 -1.62 -10.27
N ASN A 665 33.73 -1.15 -11.31
CA ASN A 665 32.32 -0.74 -11.21
C ASN A 665 31.56 -1.37 -12.38
N PRO A 666 31.19 -2.65 -12.23
CA PRO A 666 30.46 -3.37 -13.27
C PRO A 666 29.15 -2.78 -13.78
N MET A 667 28.46 -1.99 -12.95
N MET A 667 28.48 -1.98 -12.95
CA MET A 667 27.21 -1.37 -13.41
CA MET A 667 27.23 -1.35 -13.37
C MET A 667 27.46 -0.36 -14.54
C MET A 667 27.47 -0.38 -14.53
N LEU A 668 28.66 0.20 -14.57
CA LEU A 668 29.03 1.16 -15.62
C LEU A 668 30.19 0.69 -16.50
N GLY A 669 30.41 -0.62 -16.53
CA GLY A 669 31.53 -1.14 -17.29
C GLY A 669 31.24 -1.57 -18.71
N PHE A 670 31.94 -2.62 -19.11
CA PHE A 670 31.85 -3.19 -20.44
C PHE A 670 30.59 -4.06 -20.54
N ARG A 671 29.44 -3.41 -20.75
N ARG A 671 29.45 -3.41 -20.79
CA ARG A 671 28.17 -4.11 -20.87
CA ARG A 671 28.18 -4.11 -20.90
C ARG A 671 27.23 -3.44 -21.88
C ARG A 671 27.23 -3.43 -21.88
N GLY A 672 26.06 -4.04 -22.07
CA GLY A 672 25.08 -3.49 -22.99
C GLY A 672 25.51 -3.39 -24.43
N CYS A 673 25.24 -2.25 -25.05
CA CYS A 673 25.59 -2.06 -26.46
C CYS A 673 27.09 -1.98 -26.65
N ARG A 674 27.82 -1.67 -25.58
CA ARG A 674 29.28 -1.59 -25.64
C ARG A 674 29.82 -2.97 -26.04
N LEU A 675 29.17 -4.02 -25.56
CA LEU A 675 29.55 -5.39 -25.85
C LEU A 675 29.08 -5.72 -27.28
N GLY A 676 27.84 -5.34 -27.58
CA GLY A 676 27.27 -5.59 -28.88
C GLY A 676 28.02 -4.93 -30.01
N ILE A 677 28.57 -3.73 -29.72
CA ILE A 677 29.35 -2.97 -30.68
C ILE A 677 30.75 -3.54 -30.82
N SER A 678 31.37 -3.92 -29.71
CA SER A 678 32.73 -4.49 -29.75
C SER A 678 32.75 -5.90 -30.31
N TYR A 679 31.65 -6.63 -30.17
CA TYR A 679 31.53 -8.00 -30.67
C TYR A 679 30.25 -8.11 -31.48
N PRO A 680 30.26 -7.57 -32.70
CA PRO A 680 29.15 -7.55 -33.65
C PRO A 680 28.49 -8.91 -33.84
N GLU A 681 29.32 -9.95 -33.88
CA GLU A 681 28.82 -11.31 -34.06
C GLU A 681 27.78 -11.68 -33.03
N LEU A 682 27.92 -11.13 -31.83
CA LEU A 682 26.99 -11.40 -30.74
C LEU A 682 25.59 -10.85 -31.09
N THR A 683 25.54 -9.60 -31.50
CA THR A 683 24.26 -9.00 -31.88
C THR A 683 23.72 -9.65 -33.16
N GLU A 684 24.61 -10.03 -34.08
CA GLU A 684 24.16 -10.69 -35.31
C GLU A 684 23.53 -12.04 -34.97
N MET A 685 24.08 -12.73 -33.98
CA MET A 685 23.54 -14.02 -33.57
C MET A 685 22.14 -13.87 -32.97
N GLN A 686 21.98 -12.90 -32.08
CA GLN A 686 20.69 -12.68 -31.45
C GLN A 686 19.64 -12.21 -32.47
N ALA A 687 20.03 -11.31 -33.38
CA ALA A 687 19.05 -10.84 -34.37
C ALA A 687 18.59 -12.01 -35.26
N ARG A 688 19.52 -12.89 -35.59
CA ARG A 688 19.22 -14.05 -36.43
C ARG A 688 18.26 -14.93 -35.67
N ALA A 689 18.55 -15.16 -34.40
CA ALA A 689 17.70 -15.99 -33.57
C ALA A 689 16.27 -15.42 -33.51
N ILE A 690 16.17 -14.11 -33.35
CA ILE A 690 14.86 -13.47 -33.27
C ILE A 690 14.07 -13.62 -34.58
N PHE A 691 14.65 -13.17 -35.68
CA PHE A 691 13.96 -13.21 -36.96
C PHE A 691 13.61 -14.61 -37.46
N GLU A 692 14.44 -15.60 -37.17
CA GLU A 692 14.17 -16.96 -37.58
C GLU A 692 13.05 -17.56 -36.75
N ALA A 693 12.99 -17.20 -35.47
CA ALA A 693 11.93 -17.71 -34.60
C ALA A 693 10.60 -17.10 -35.04
N ALA A 694 10.67 -15.82 -35.39
CA ALA A 694 9.50 -15.06 -35.83
C ALA A 694 8.89 -15.68 -37.09
N ILE A 695 9.73 -15.93 -38.08
CA ILE A 695 9.25 -16.52 -39.32
C ILE A 695 8.67 -17.92 -39.09
N ALA A 696 9.39 -18.74 -38.33
CA ALA A 696 8.93 -20.10 -38.05
C ALA A 696 7.55 -20.10 -37.42
N MET A 697 7.31 -19.19 -36.48
CA MET A 697 5.99 -19.15 -35.85
C MET A 697 4.92 -18.55 -36.77
N THR A 698 5.31 -17.62 -37.64
CA THR A 698 4.36 -17.03 -38.56
C THR A 698 3.92 -18.16 -39.48
N ASN A 699 4.86 -18.94 -39.97
CA ASN A 699 4.51 -20.05 -40.86
C ASN A 699 3.54 -21.03 -40.25
N GLN A 700 3.43 -21.01 -38.93
CA GLN A 700 2.50 -21.88 -38.23
C GLN A 700 1.22 -21.11 -37.87
N GLY A 701 1.03 -19.95 -38.47
CA GLY A 701 -0.16 -19.16 -38.21
C GLY A 701 -0.16 -18.24 -37.00
N VAL A 702 0.96 -18.12 -36.31
CA VAL A 702 1.03 -17.22 -35.15
C VAL A 702 1.28 -15.80 -35.62
N GLN A 703 0.59 -14.83 -35.04
CA GLN A 703 0.84 -13.45 -35.41
C GLN A 703 2.03 -13.00 -34.55
N VAL A 704 3.09 -12.55 -35.21
CA VAL A 704 4.31 -12.12 -34.52
C VAL A 704 4.64 -10.67 -34.85
N PHE A 705 4.80 -9.87 -33.81
CA PHE A 705 5.12 -8.45 -33.93
C PHE A 705 6.35 -8.21 -33.06
N PRO A 706 7.53 -8.65 -33.56
CA PRO A 706 8.81 -8.52 -32.87
C PRO A 706 9.37 -7.11 -32.78
N GLU A 707 10.03 -6.83 -31.66
CA GLU A 707 10.67 -5.54 -31.43
C GLU A 707 12.04 -5.80 -30.80
N ILE A 708 13.06 -5.19 -31.40
CA ILE A 708 14.41 -5.35 -30.91
C ILE A 708 14.91 -4.07 -30.25
N MET A 709 15.32 -4.20 -29.00
CA MET A 709 15.78 -3.07 -28.22
C MET A 709 17.26 -3.10 -27.83
N VAL A 710 17.94 -1.98 -28.02
CA VAL A 710 19.37 -1.85 -27.72
C VAL A 710 19.58 -1.25 -26.32
N PRO A 711 20.16 -2.03 -25.41
CA PRO A 711 20.43 -1.60 -24.02
C PRO A 711 21.57 -0.56 -23.86
N LEU A 712 21.42 0.25 -22.79
CA LEU A 712 22.45 1.21 -22.32
C LEU A 712 23.06 2.15 -23.36
N VAL A 713 22.22 2.76 -24.20
CA VAL A 713 22.71 3.67 -25.24
C VAL A 713 22.90 5.09 -24.65
N GLY A 714 23.98 5.76 -25.05
CA GLY A 714 24.30 7.09 -24.57
C GLY A 714 24.50 8.10 -25.69
N THR A 715 24.54 7.58 -26.93
CA THR A 715 24.74 8.39 -28.13
C THR A 715 23.95 7.81 -29.32
N PRO A 716 23.61 8.65 -30.31
CA PRO A 716 22.87 8.16 -31.49
C PRO A 716 23.71 7.16 -32.27
N GLN A 717 25.03 7.37 -32.26
CA GLN A 717 25.98 6.52 -32.98
C GLN A 717 25.94 5.05 -32.50
N GLU A 718 25.92 4.85 -31.17
CA GLU A 718 25.89 3.48 -30.62
C GLU A 718 24.63 2.80 -31.12
N LEU A 719 23.51 3.52 -31.08
CA LEU A 719 22.26 2.94 -31.54
C LEU A 719 22.28 2.65 -33.04
N GLY A 720 22.78 3.60 -33.83
CA GLY A 720 22.85 3.43 -35.28
C GLY A 720 23.65 2.22 -35.69
N HIS A 721 24.78 2.05 -35.03
CA HIS A 721 25.66 0.92 -35.27
C HIS A 721 24.92 -0.39 -35.09
N GLN A 722 24.17 -0.50 -33.99
CA GLN A 722 23.47 -1.75 -33.71
C GLN A 722 22.27 -1.94 -34.65
N VAL A 723 21.58 -0.83 -34.94
CA VAL A 723 20.44 -0.88 -35.84
C VAL A 723 20.89 -1.39 -37.21
N THR A 724 22.00 -0.87 -37.71
CA THR A 724 22.49 -1.32 -39.00
C THR A 724 22.70 -2.84 -39.00
N LEU A 725 23.36 -3.33 -37.95
CA LEU A 725 23.59 -4.78 -37.82
C LEU A 725 22.28 -5.56 -37.84
N ILE A 726 21.31 -5.11 -37.06
CA ILE A 726 20.03 -5.79 -37.01
C ILE A 726 19.32 -5.84 -38.36
N ARG A 727 19.25 -4.71 -39.04
CA ARG A 727 18.59 -4.65 -40.34
C ARG A 727 19.29 -5.52 -41.37
N GLN A 728 20.61 -5.64 -41.29
CA GLN A 728 21.33 -6.48 -42.25
C GLN A 728 20.92 -7.93 -42.06
N VAL A 729 20.94 -8.40 -40.81
CA VAL A 729 20.56 -9.78 -40.52
C VAL A 729 19.11 -10.02 -40.93
N ALA A 730 18.25 -9.02 -40.74
CA ALA A 730 16.85 -9.19 -41.11
C ALA A 730 16.70 -9.42 -42.62
N GLU A 731 17.47 -8.70 -43.41
CA GLU A 731 17.41 -8.83 -44.86
C GLU A 731 17.82 -10.23 -45.29
N LYS A 732 18.92 -10.73 -44.72
CA LYS A 732 19.41 -12.06 -45.08
C LYS A 732 18.44 -13.16 -44.65
N VAL A 733 17.96 -13.09 -43.42
CA VAL A 733 17.03 -14.11 -42.94
C VAL A 733 15.75 -14.13 -43.77
N PHE A 734 15.24 -12.94 -44.09
CA PHE A 734 14.01 -12.88 -44.86
C PHE A 734 14.23 -13.46 -46.26
N ALA A 735 15.41 -13.23 -46.82
CA ALA A 735 15.74 -13.72 -48.15
C ALA A 735 15.96 -15.24 -48.11
N ASN A 736 16.70 -15.69 -47.10
CA ASN A 736 16.99 -17.11 -46.98
C ASN A 736 15.75 -17.93 -46.72
N VAL A 737 14.75 -17.33 -46.10
CA VAL A 737 13.53 -18.06 -45.81
C VAL A 737 12.43 -17.64 -46.80
N GLY A 738 12.78 -16.74 -47.71
CA GLY A 738 11.84 -16.27 -48.72
C GLY A 738 10.57 -15.65 -48.17
N LYS A 739 10.68 -14.88 -47.10
CA LYS A 739 9.50 -14.26 -46.52
C LYS A 739 9.88 -13.07 -45.65
N THR A 740 9.02 -12.07 -45.63
CA THR A 740 9.29 -10.87 -44.86
C THR A 740 8.13 -10.53 -43.94
N ILE A 741 8.47 -10.05 -42.76
CA ILE A 741 7.46 -9.65 -41.77
C ILE A 741 7.93 -8.34 -41.16
N GLY A 742 6.98 -7.55 -40.67
CA GLY A 742 7.32 -6.28 -40.06
C GLY A 742 7.99 -6.46 -38.70
N TYR A 743 8.75 -5.46 -38.29
CA TYR A 743 9.43 -5.51 -37.00
C TYR A 743 9.88 -4.11 -36.67
N LYS A 744 10.31 -3.90 -35.43
CA LYS A 744 10.76 -2.58 -35.03
C LYS A 744 12.07 -2.63 -34.26
N VAL A 745 12.83 -1.54 -34.37
CA VAL A 745 14.09 -1.40 -33.69
C VAL A 745 13.92 -0.18 -32.79
N GLY A 746 14.38 -0.30 -31.56
CA GLY A 746 14.26 0.80 -30.61
C GLY A 746 15.39 0.80 -29.62
N THR A 747 15.25 1.56 -28.56
CA THR A 747 16.31 1.61 -27.58
C THR A 747 15.83 1.86 -26.18
N MET A 748 16.66 1.43 -25.24
CA MET A 748 16.47 1.76 -23.85
C MET A 748 17.00 3.17 -23.60
N ILE A 749 16.33 3.87 -22.68
CA ILE A 749 16.76 5.19 -22.27
C ILE A 749 17.01 5.06 -20.77
N GLU A 750 18.25 4.72 -20.42
CA GLU A 750 18.64 4.53 -19.02
C GLU A 750 19.90 5.29 -18.64
N ILE A 751 20.47 5.98 -19.64
CA ILE A 751 21.67 6.79 -19.44
C ILE A 751 21.17 8.27 -19.45
N PRO A 752 21.55 9.04 -18.47
CA PRO A 752 21.09 10.45 -18.47
C PRO A 752 21.43 11.18 -19.74
N ARG A 753 22.58 10.84 -20.34
CA ARG A 753 22.98 11.52 -21.57
C ARG A 753 22.00 11.26 -22.72
N ALA A 754 21.47 10.03 -22.76
CA ALA A 754 20.51 9.63 -23.80
C ALA A 754 19.25 10.50 -23.76
N ALA A 755 18.87 10.87 -22.54
CA ALA A 755 17.68 11.72 -22.35
C ALA A 755 17.95 13.10 -22.92
N LEU A 756 19.19 13.56 -22.68
CA LEU A 756 19.63 14.87 -23.14
C LEU A 756 19.69 14.98 -24.67
N VAL A 757 20.06 13.88 -25.35
CA VAL A 757 20.13 13.90 -26.80
C VAL A 757 19.11 12.96 -27.43
N ALA A 758 17.98 12.84 -26.75
CA ALA A 758 16.87 11.99 -27.20
C ALA A 758 16.38 12.43 -28.61
N ASP A 759 16.47 13.72 -28.95
CA ASP A 759 16.04 14.15 -30.29
C ASP A 759 16.88 13.43 -31.36
N GLU A 760 18.20 13.38 -31.17
CA GLU A 760 19.11 12.70 -32.12
C GLU A 760 18.85 11.19 -32.11
N ILE A 761 18.79 10.61 -30.92
CA ILE A 761 18.53 9.18 -30.79
C ILE A 761 17.21 8.74 -31.47
N ALA A 762 16.20 9.60 -31.41
CA ALA A 762 14.90 9.32 -32.02
C ALA A 762 14.93 9.15 -33.56
N GLU A 763 16.02 9.59 -34.18
CA GLU A 763 16.12 9.43 -35.63
C GLU A 763 16.24 7.96 -36.03
N GLN A 764 16.88 7.15 -35.18
CA GLN A 764 17.08 5.73 -35.44
C GLN A 764 16.11 4.84 -34.68
N ALA A 765 15.65 5.29 -33.52
CA ALA A 765 14.79 4.45 -32.68
C ALA A 765 13.32 4.69 -32.99
N GLU A 766 12.59 3.59 -33.12
CA GLU A 766 11.17 3.65 -33.39
C GLU A 766 10.39 3.71 -32.09
N PHE A 767 11.07 3.34 -31.00
CA PHE A 767 10.45 3.37 -29.68
C PHE A 767 11.48 3.51 -28.57
N PHE A 768 11.03 4.19 -27.51
CA PHE A 768 11.79 4.48 -26.31
C PHE A 768 11.22 3.64 -25.16
N SER A 769 12.14 3.08 -24.37
CA SER A 769 11.78 2.29 -23.20
C SER A 769 12.72 2.67 -22.08
N PHE A 770 12.15 3.42 -21.13
CA PHE A 770 12.86 3.91 -19.98
C PHE A 770 13.19 2.81 -19.00
N GLY A 771 14.47 2.78 -18.65
CA GLY A 771 15.03 1.86 -17.69
C GLY A 771 15.37 2.69 -16.48
N THR A 772 14.30 3.04 -15.76
CA THR A 772 14.35 3.87 -14.56
C THR A 772 15.19 3.26 -13.45
N ASN A 773 15.50 1.96 -13.52
CA ASN A 773 16.34 1.35 -12.48
C ASN A 773 17.74 1.94 -12.58
N ASP A 774 18.28 1.85 -13.80
CA ASP A 774 19.60 2.34 -14.14
C ASP A 774 19.64 3.88 -14.20
N LEU A 775 18.55 4.45 -14.74
CA LEU A 775 18.45 5.89 -14.86
C LEU A 775 18.54 6.53 -13.47
N THR A 776 17.87 5.89 -12.53
CA THR A 776 17.85 6.34 -11.13
C THR A 776 19.26 6.18 -10.53
N GLN A 777 19.94 5.08 -10.88
CA GLN A 777 21.30 4.84 -10.37
C GLN A 777 22.28 5.92 -10.85
N MET A 778 22.24 6.20 -12.15
N MET A 778 22.24 6.23 -12.15
CA MET A 778 23.14 7.20 -12.70
CA MET A 778 23.14 7.24 -12.70
C MET A 778 22.77 8.64 -12.33
C MET A 778 22.77 8.63 -12.26
N THR A 779 21.48 8.93 -12.25
CA THR A 779 21.02 10.27 -11.89
C THR A 779 21.34 10.68 -10.45
N PHE A 780 21.17 9.75 -9.52
CA PHE A 780 21.43 9.98 -8.12
C PHE A 780 22.87 9.59 -7.84
N GLY A 781 23.46 8.81 -8.73
CA GLY A 781 24.80 8.32 -8.47
C GLY A 781 24.71 7.30 -7.32
N TYR A 782 23.65 6.50 -7.35
CA TYR A 782 23.40 5.46 -6.33
C TYR A 782 23.63 4.04 -6.86
N SER A 783 24.56 3.33 -6.27
CA SER A 783 24.76 1.93 -6.65
C SER A 783 23.69 1.17 -5.87
N ARG A 784 22.62 0.69 -6.53
CA ARG A 784 21.60 -0.01 -5.74
C ARG A 784 22.18 -1.16 -4.95
N ASP A 785 23.17 -1.85 -5.52
CA ASP A 785 23.84 -2.94 -4.82
C ASP A 785 24.42 -2.50 -3.48
N ASP A 786 24.80 -1.21 -3.35
CA ASP A 786 25.45 -0.73 -2.13
C ASP A 786 24.70 0.37 -1.37
N VAL A 787 23.63 0.88 -1.96
CA VAL A 787 22.89 1.96 -1.36
C VAL A 787 22.31 1.62 0.02
N GLY A 788 22.14 0.34 0.29
CA GLY A 788 21.61 -0.10 1.56
C GLY A 788 22.40 0.35 2.78
N LYS A 789 23.61 0.83 2.57
CA LYS A 789 24.42 1.28 3.68
C LYS A 789 24.13 2.70 4.18
N PHE A 790 23.30 3.46 3.47
CA PHE A 790 23.00 4.81 3.93
C PHE A 790 21.56 5.25 3.71
N ILE A 791 20.81 4.51 2.89
CA ILE A 791 19.41 4.84 2.64
C ILE A 791 18.60 4.89 3.93
N PRO A 792 18.76 3.89 4.82
CA PRO A 792 18.02 3.92 6.08
C PRO A 792 18.22 5.22 6.83
N VAL A 793 19.46 5.69 6.86
CA VAL A 793 19.80 6.94 7.53
C VAL A 793 19.16 8.12 6.79
N TYR A 794 19.28 8.14 5.46
CA TYR A 794 18.70 9.22 4.68
C TYR A 794 17.17 9.33 4.91
N LEU A 795 16.48 8.20 4.96
CA LEU A 795 15.05 8.20 5.18
C LEU A 795 14.76 8.63 6.61
N ALA A 796 15.49 8.07 7.57
CA ALA A 796 15.29 8.44 8.97
C ALA A 796 15.53 9.93 9.20
N GLN A 797 16.47 10.51 8.46
CA GLN A 797 16.88 11.92 8.66
C GLN A 797 16.08 12.90 7.82
N GLY A 798 15.18 12.36 7.01
CA GLY A 798 14.32 13.17 6.14
C GLY A 798 15.06 13.73 4.93
N ILE A 799 16.22 13.13 4.62
CA ILE A 799 17.01 13.58 3.48
C ILE A 799 16.38 13.07 2.19
N LEU A 800 15.69 11.93 2.31
CA LEU A 800 14.94 11.32 1.22
C LEU A 800 13.53 11.06 1.74
N GLN A 801 12.54 11.27 0.89
CA GLN A 801 11.15 11.03 1.28
C GLN A 801 10.82 9.56 1.08
N HIS A 802 11.32 9.02 -0.03
CA HIS A 802 11.14 7.62 -0.41
C HIS A 802 12.41 7.10 -1.05
N ASP A 803 12.51 5.77 -1.07
CA ASP A 803 13.64 5.11 -1.73
C ASP A 803 13.40 5.33 -3.22
N PRO A 804 14.28 6.02 -3.92
CA PRO A 804 14.10 6.29 -5.35
C PRO A 804 13.94 5.09 -6.25
N PHE A 805 14.34 3.92 -5.75
CA PHE A 805 14.32 2.71 -6.56
C PHE A 805 12.97 2.03 -6.55
N GLU A 806 12.15 2.42 -5.58
CA GLU A 806 10.79 1.86 -5.43
C GLU A 806 9.76 2.87 -5.92
N VAL A 807 9.98 4.13 -5.52
CA VAL A 807 9.10 5.24 -5.87
C VAL A 807 9.88 6.23 -6.72
N LEU A 808 9.41 6.37 -7.96
CA LEU A 808 10.02 7.27 -8.92
C LEU A 808 10.19 8.68 -8.37
N ASP A 809 11.42 9.18 -8.47
CA ASP A 809 11.76 10.54 -8.06
C ASP A 809 11.33 11.41 -9.23
N GLN A 810 10.11 11.94 -9.09
CA GLN A 810 9.50 12.76 -10.12
C GLN A 810 10.21 14.07 -10.42
N ARG A 811 10.77 14.68 -9.39
CA ARG A 811 11.47 15.96 -9.54
C ARG A 811 12.79 15.85 -10.35
N GLY A 812 13.54 14.77 -10.12
CA GLY A 812 14.82 14.56 -10.80
C GLY A 812 14.75 13.63 -11.99
N VAL A 813 14.68 12.34 -11.69
CA VAL A 813 14.60 11.32 -12.72
C VAL A 813 13.41 11.64 -13.62
N GLY A 814 12.33 12.13 -12.99
CA GLY A 814 11.13 12.50 -13.69
C GLY A 814 11.37 13.59 -14.76
N GLU A 815 12.17 14.59 -14.43
N GLU A 815 12.16 14.60 -14.44
CA GLU A 815 12.45 15.65 -15.39
CA GLU A 815 12.40 15.64 -15.44
C GLU A 815 13.15 15.09 -16.63
C GLU A 815 13.10 15.05 -16.66
N LEU A 816 14.03 14.12 -16.43
CA LEU A 816 14.75 13.50 -17.55
C LEU A 816 13.79 12.69 -18.39
N VAL A 817 12.83 12.05 -17.75
CA VAL A 817 11.86 11.27 -18.50
C VAL A 817 11.02 12.23 -19.35
N LYS A 818 10.63 13.36 -18.79
CA LYS A 818 9.86 14.34 -19.54
C LYS A 818 10.67 14.92 -20.68
N PHE A 819 11.87 15.41 -20.40
N PHE A 819 11.88 15.39 -20.35
CA PHE A 819 12.68 15.99 -21.45
CA PHE A 819 12.81 15.96 -21.34
C PHE A 819 12.81 14.97 -22.59
C PHE A 819 12.86 15.00 -22.54
N ALA A 820 13.29 13.77 -22.26
CA ALA A 820 13.44 12.74 -23.28
C ALA A 820 12.18 12.47 -24.09
N THR A 821 11.04 12.39 -23.42
CA THR A 821 9.80 12.12 -24.12
C THR A 821 9.44 13.25 -25.09
N GLU A 822 9.51 14.48 -24.62
CA GLU A 822 9.20 15.64 -25.45
C GLU A 822 10.13 15.76 -26.66
N ARG A 823 11.44 15.76 -26.42
CA ARG A 823 12.40 15.90 -27.51
C ARG A 823 12.40 14.72 -28.47
N GLY A 824 12.13 13.52 -27.97
CA GLY A 824 12.09 12.37 -28.85
C GLY A 824 10.89 12.43 -29.77
N ARG A 825 9.74 12.84 -29.24
CA ARG A 825 8.54 12.90 -30.06
C ARG A 825 8.53 14.10 -31.02
N LYS A 826 9.26 15.15 -30.67
CA LYS A 826 9.35 16.30 -31.56
C LYS A 826 10.09 15.86 -32.83
N ALA A 827 11.05 14.95 -32.68
CA ALA A 827 11.82 14.45 -33.81
C ALA A 827 11.06 13.37 -34.61
N ARG A 828 10.38 12.46 -33.91
CA ARG A 828 9.61 11.38 -34.52
C ARG A 828 8.26 11.45 -33.81
N PRO A 829 7.29 12.16 -34.40
CA PRO A 829 5.96 12.31 -33.80
C PRO A 829 5.26 11.08 -33.28
N ASN A 830 5.41 9.95 -33.96
CA ASN A 830 4.73 8.73 -33.53
C ASN A 830 5.64 7.81 -32.72
N LEU A 831 6.70 8.37 -32.14
CA LEU A 831 7.61 7.59 -31.31
C LEU A 831 6.83 6.90 -30.20
N LYS A 832 6.97 5.58 -30.10
CA LYS A 832 6.30 4.85 -29.04
C LYS A 832 7.22 4.97 -27.80
N VAL A 833 6.65 5.31 -26.65
CA VAL A 833 7.43 5.53 -25.45
C VAL A 833 6.91 4.77 -24.23
N GLY A 834 7.73 3.88 -23.69
CA GLY A 834 7.33 3.12 -22.51
C GLY A 834 8.39 3.12 -21.41
N ILE A 835 8.11 2.39 -20.35
CA ILE A 835 9.05 2.29 -19.23
C ILE A 835 9.00 0.83 -18.74
N CYS A 836 10.18 0.25 -18.53
N CYS A 836 10.17 0.26 -18.50
CA CYS A 836 10.27 -1.12 -18.07
CA CYS A 836 10.25 -1.12 -18.03
C CYS A 836 11.03 -1.27 -16.74
C CYS A 836 10.97 -1.27 -16.71
N GLY A 837 11.40 -0.15 -16.13
CA GLY A 837 12.08 -0.21 -14.84
C GLY A 837 11.01 -0.68 -13.85
N GLU A 838 11.37 -0.93 -12.60
CA GLU A 838 10.39 -1.42 -11.62
C GLU A 838 9.30 -0.43 -11.23
N HIS A 839 9.53 0.84 -11.52
CA HIS A 839 8.53 1.84 -11.21
C HIS A 839 7.28 1.61 -12.09
N GLY A 840 7.43 0.77 -13.10
CA GLY A 840 6.35 0.46 -14.01
C GLY A 840 5.19 -0.26 -13.37
N GLY A 841 5.37 -0.74 -12.14
CA GLY A 841 4.28 -1.41 -11.47
C GLY A 841 3.95 -0.74 -10.14
N GLU A 842 4.48 0.45 -9.93
CA GLU A 842 4.26 1.17 -8.68
C GLU A 842 3.23 2.28 -8.92
N PRO A 843 2.05 2.18 -8.27
CA PRO A 843 0.94 3.13 -8.40
C PRO A 843 1.27 4.62 -8.58
N SER A 844 1.99 5.24 -7.65
CA SER A 844 2.30 6.66 -7.83
C SER A 844 3.21 6.92 -9.04
N SER A 845 4.06 5.95 -9.37
CA SER A 845 4.96 6.09 -10.52
C SER A 845 4.17 5.92 -11.81
N VAL A 846 3.30 4.92 -11.83
CA VAL A 846 2.45 4.70 -12.99
C VAL A 846 1.62 5.95 -13.24
N ALA A 847 1.13 6.59 -12.19
CA ALA A 847 0.33 7.82 -12.32
C ALA A 847 1.15 8.92 -13.01
N PHE A 848 2.42 9.06 -12.60
CA PHE A 848 3.29 10.07 -13.19
C PHE A 848 3.52 9.77 -14.68
N PHE A 849 3.77 8.51 -15.00
CA PHE A 849 3.99 8.13 -16.39
C PHE A 849 2.75 8.42 -17.25
N ALA A 850 1.57 8.20 -16.69
CA ALA A 850 0.35 8.47 -17.45
C ALA A 850 0.27 9.95 -17.77
N LYS A 851 0.46 10.80 -16.77
CA LYS A 851 0.37 12.23 -17.05
C LYS A 851 1.54 12.77 -17.84
N ALA A 852 2.62 12.00 -17.93
CA ALA A 852 3.79 12.45 -18.68
C ALA A 852 3.57 12.19 -20.18
N GLY A 853 2.51 11.43 -20.47
CA GLY A 853 2.15 11.11 -21.84
C GLY A 853 2.83 9.87 -22.43
N LEU A 854 3.28 8.96 -21.57
CA LEU A 854 3.90 7.73 -22.06
C LEU A 854 2.82 6.89 -22.71
N ASP A 855 3.23 5.92 -23.51
CA ASP A 855 2.29 5.09 -24.21
C ASP A 855 1.97 3.83 -23.43
N TYR A 856 2.89 3.43 -22.56
CA TYR A 856 2.71 2.22 -21.77
C TYR A 856 3.77 2.04 -20.71
N VAL A 857 3.45 1.08 -19.84
CA VAL A 857 4.29 0.64 -18.77
C VAL A 857 4.36 -0.86 -18.85
N SER A 858 5.50 -1.40 -18.40
CA SER A 858 5.75 -2.83 -18.42
C SER A 858 6.36 -3.22 -17.09
N CYS A 859 5.74 -4.23 -16.47
CA CYS A 859 6.16 -4.75 -15.17
C CYS A 859 6.11 -6.27 -15.16
N SER A 860 6.44 -6.83 -14.00
CA SER A 860 6.42 -8.29 -13.79
C SER A 860 4.99 -8.78 -14.09
N PRO A 861 4.83 -10.07 -14.33
CA PRO A 861 3.50 -10.62 -14.63
C PRO A 861 2.41 -10.35 -13.63
N PHE A 862 2.69 -10.62 -12.36
CA PHE A 862 1.66 -10.47 -11.32
C PHE A 862 1.44 -9.05 -10.86
N ARG A 863 2.17 -8.11 -11.43
CA ARG A 863 2.00 -6.70 -11.05
C ARG A 863 1.11 -5.99 -12.09
N VAL A 864 0.97 -6.66 -13.23
CA VAL A 864 0.20 -6.18 -14.37
C VAL A 864 -1.23 -5.67 -13.94
N PRO A 865 -2.02 -6.47 -13.24
CA PRO A 865 -3.36 -5.97 -12.83
C PRO A 865 -3.25 -4.69 -11.99
N ILE A 866 -2.21 -4.60 -11.14
CA ILE A 866 -2.03 -3.42 -10.28
C ILE A 866 -1.74 -2.18 -11.13
N ALA A 867 -0.89 -2.39 -12.15
CA ALA A 867 -0.52 -1.35 -13.08
C ALA A 867 -1.76 -0.83 -13.81
N ARG A 868 -2.57 -1.78 -14.26
CA ARG A 868 -3.82 -1.48 -14.97
C ARG A 868 -4.73 -0.64 -14.08
N LEU A 869 -4.87 -1.07 -12.84
CA LEU A 869 -5.69 -0.34 -11.89
C LEU A 869 -5.18 1.08 -11.68
N ALA A 870 -3.87 1.21 -11.51
CA ALA A 870 -3.26 2.51 -11.30
C ALA A 870 -3.38 3.42 -12.52
N ALA A 871 -3.24 2.83 -13.70
CA ALA A 871 -3.34 3.63 -14.92
C ALA A 871 -4.75 4.20 -15.10
N ALA A 872 -5.74 3.56 -14.48
CA ALA A 872 -7.14 4.03 -14.57
C ALA A 872 -7.44 5.05 -13.48
N GLN A 873 -7.02 4.74 -12.26
CA GLN A 873 -7.28 5.62 -11.13
C GLN A 873 -6.74 7.03 -11.27
N VAL A 874 -5.61 7.18 -11.95
CA VAL A 874 -5.01 8.50 -12.12
C VAL A 874 -5.89 9.38 -13.04
N LEU A 875 -6.69 8.74 -13.88
CA LEU A 875 -7.54 9.47 -14.82
C LEU A 875 -8.93 9.86 -14.32
N VAL A 876 -9.35 9.32 -13.18
CA VAL A 876 -10.67 9.67 -12.67
C VAL A 876 -10.58 10.33 -11.29
MG MG B . 19.29 -1.47 -17.40
S SO4 C . -17.33 -16.20 -5.08
O1 SO4 C . -17.63 -17.56 -5.56
O2 SO4 C . -16.50 -16.29 -3.86
O3 SO4 C . -16.59 -15.46 -6.13
O4 SO4 C . -18.58 -15.48 -4.77
C1 PEP D . 16.41 -0.74 -15.92
O1 PEP D . 15.51 0.07 -15.56
O2' PEP D . 17.51 -0.44 -15.72
C2 PEP D . 15.90 -2.06 -16.61
C3 PEP D . 14.59 -2.36 -16.83
O2 PEP D . 16.98 -2.92 -16.96
P PEP D . 17.79 -3.97 -15.99
O1P PEP D . 17.72 -5.33 -16.48
O2P PEP D . 17.19 -3.82 -14.65
O3P PEP D . 19.25 -3.45 -15.91
#